data_3N0F
#
_entry.id   3N0F
#
_cell.length_a   155.421
_cell.length_b   155.421
_cell.length_c   142.031
_cell.angle_alpha   90.00
_cell.angle_beta   90.00
_cell.angle_gamma   90.00
#
_symmetry.space_group_name_H-M   'P 43 21 2'
#
loop_
_entity.id
_entity.type
_entity.pdbx_description
1 polymer 'Isoprene synthase'
2 water water
#
_entity_poly.entity_id   1
_entity_poly.type   'polypeptide(L)'
_entity_poly.pdbx_seq_one_letter_code
;MRGSHHHHHHGSEARRSADYEPNSWDYDFLLSSDTDESIEVYKDKAKKLEAEVRREINNEKAEFLTLLELIDNVQRLGLG
YRFESDIRRALDRFVSSGGFDGVTKTSLHATALSFRLLRQHGFEVSQEAFSGFKDQNGNFLENLKEDTKAILSLYEASFL
ALEGENILDEARVFAISHLKELSEEKIGKELAEQVNHALELPLHRRTQRLEAVWSIEAYRKKEDANQVLLELAILDYNMI
QSVYQRDLRETSRWWRRVGLATKLHFARDRLIESFYWAVGVAFEPQYSDCRNSVAKMFSFVTIIDDIYDVYGTLDELELF
TDAVERWDVNAINDLPDYMKLCFLALYNTINEIAYDNLKDKGENILPYLTKAWADLCNAFLQEAKWLYNKSTPTFDDYFG
NAWKSSSGPLQLIFAYFAVVQNIKKEEIENLQKYHDIISRPSHIFRLCNDLASASAEIARGETANSVSCYMRTKGISEEL
ATESVMNLIDETWKKMNKEKLGGSLFAKPFVETAINLARQSHCTYHNGDAHTSPDELTRKRVLSVITEPILPFER
;
_entity_poly.pdbx_strand_id   A,B
#
# COMPACT_ATOMS: atom_id res chain seq x y z
N SER A 17 -39.56 8.30 21.10
CA SER A 17 -41.00 8.30 20.69
C SER A 17 -41.49 6.89 20.33
N ALA A 18 -42.80 6.73 20.19
CA ALA A 18 -43.39 5.43 19.86
C ALA A 18 -43.56 5.29 18.35
N ASP A 19 -43.27 4.09 17.84
CA ASP A 19 -43.37 3.83 16.41
C ASP A 19 -44.43 2.79 16.08
N TYR A 20 -45.61 3.26 15.70
CA TYR A 20 -46.71 2.36 15.36
C TYR A 20 -46.87 2.26 13.85
N GLU A 21 -45.99 2.95 13.12
CA GLU A 21 -46.04 2.94 11.66
C GLU A 21 -45.74 1.53 11.15
N PRO A 22 -46.35 1.16 10.01
CA PRO A 22 -46.15 -0.16 9.38
C PRO A 22 -44.83 -0.32 8.64
N ASN A 23 -44.37 -1.57 8.51
CA ASN A 23 -43.13 -1.87 7.81
C ASN A 23 -43.42 -2.40 6.41
N SER A 24 -42.63 -1.96 5.44
CA SER A 24 -42.81 -2.38 4.06
C SER A 24 -42.66 -3.88 3.89
N TRP A 25 -42.13 -4.55 4.90
CA TRP A 25 -41.96 -6.00 4.83
C TRP A 25 -42.84 -6.78 5.82
N ASP A 26 -43.84 -6.14 6.40
CA ASP A 26 -44.70 -6.87 7.32
C ASP A 26 -45.58 -7.80 6.49
N TYR A 27 -45.86 -8.98 7.03
CA TYR A 27 -46.69 -9.97 6.34
C TYR A 27 -48.08 -9.42 6.07
N ASP A 28 -48.46 -8.39 6.82
CA ASP A 28 -49.75 -7.74 6.68
C ASP A 28 -49.83 -7.03 5.34
N PHE A 29 -48.68 -6.65 4.81
CA PHE A 29 -48.61 -5.95 3.53
C PHE A 29 -48.11 -6.87 2.41
N LEU A 30 -46.96 -7.51 2.63
CA LEU A 30 -46.37 -8.41 1.64
C LEU A 30 -47.28 -9.58 1.27
N LEU A 31 -48.22 -9.92 2.15
CA LEU A 31 -49.14 -11.03 1.90
C LEU A 31 -50.61 -10.60 1.84
N SER A 32 -50.86 -9.42 1.26
CA SER A 32 -52.21 -8.88 1.12
C SER A 32 -53.02 -9.66 0.09
N SER A 38 -57.07 -18.06 0.23
CA SER A 38 -56.06 -18.65 -0.64
C SER A 38 -54.66 -18.35 -0.12
N ILE A 39 -54.50 -17.14 0.42
CA ILE A 39 -53.23 -16.67 0.97
C ILE A 39 -53.45 -16.18 2.40
N GLU A 40 -54.68 -15.80 2.69
CA GLU A 40 -55.06 -15.31 4.01
C GLU A 40 -54.56 -16.29 5.07
N VAL A 41 -54.56 -17.57 4.70
CA VAL A 41 -54.12 -18.64 5.59
C VAL A 41 -52.63 -18.53 5.86
N TYR A 42 -51.85 -18.31 4.80
CA TYR A 42 -50.39 -18.18 4.89
C TYR A 42 -49.98 -16.99 5.74
N LYS A 43 -50.72 -15.89 5.60
CA LYS A 43 -50.44 -14.67 6.34
C LYS A 43 -50.58 -14.85 7.85
N ASP A 44 -51.73 -15.34 8.28
CA ASP A 44 -51.99 -15.56 9.70
C ASP A 44 -50.92 -16.45 10.33
N LYS A 45 -50.50 -17.50 9.63
CA LYS A 45 -49.48 -18.39 10.19
C LYS A 45 -48.13 -17.72 10.30
N ALA A 46 -47.77 -16.96 9.27
CA ALA A 46 -46.51 -16.24 9.23
C ALA A 46 -46.47 -15.27 10.41
N LYS A 47 -47.57 -14.56 10.63
CA LYS A 47 -47.65 -13.61 11.72
C LYS A 47 -47.55 -14.28 13.08
N LYS A 48 -48.22 -15.41 13.23
CA LYS A 48 -48.19 -16.14 14.50
C LYS A 48 -46.79 -16.62 14.82
N LEU A 49 -46.12 -17.20 13.83
CA LEU A 49 -44.76 -17.71 13.98
C LEU A 49 -43.82 -16.54 14.29
N GLU A 50 -43.96 -15.46 13.54
CA GLU A 50 -43.12 -14.29 13.76
C GLU A 50 -43.29 -13.76 15.18
N ALA A 51 -44.51 -13.82 15.68
CA ALA A 51 -44.80 -13.33 17.02
C ALA A 51 -44.07 -14.12 18.10
N GLU A 52 -44.05 -15.43 17.93
CA GLU A 52 -43.41 -16.29 18.89
C GLU A 52 -41.92 -16.13 18.86
N VAL A 53 -41.36 -15.90 17.68
CA VAL A 53 -39.93 -15.71 17.58
C VAL A 53 -39.56 -14.40 18.29
N ARG A 54 -40.32 -13.34 18.04
CA ARG A 54 -40.02 -12.06 18.68
C ARG A 54 -40.06 -12.20 20.21
N ARG A 55 -40.95 -13.05 20.70
CA ARG A 55 -41.08 -13.28 22.14
C ARG A 55 -39.80 -13.90 22.68
N GLU A 56 -39.29 -14.89 21.96
CA GLU A 56 -38.09 -15.58 22.38
C GLU A 56 -36.88 -14.64 22.44
N ILE A 57 -36.66 -13.88 21.38
CA ILE A 57 -35.54 -12.96 21.36
C ILE A 57 -35.67 -11.96 22.52
N ASN A 58 -36.90 -11.65 22.91
CA ASN A 58 -37.17 -10.70 23.99
C ASN A 58 -37.23 -11.32 25.38
N ASN A 59 -37.20 -12.65 25.44
CA ASN A 59 -37.26 -13.35 26.71
C ASN A 59 -36.23 -12.76 27.66
N GLU A 60 -36.72 -12.04 28.67
CA GLU A 60 -35.89 -11.37 29.65
C GLU A 60 -35.19 -12.36 30.60
N LYS A 61 -35.72 -13.57 30.71
CA LYS A 61 -35.15 -14.54 31.63
C LYS A 61 -34.54 -15.79 31.00
N ALA A 62 -33.93 -15.65 29.84
CA ALA A 62 -33.32 -16.79 29.16
C ALA A 62 -31.81 -16.76 29.34
N GLU A 63 -31.19 -17.94 29.34
CA GLU A 63 -29.74 -18.05 29.49
C GLU A 63 -29.13 -17.20 28.39
N PHE A 64 -28.18 -16.35 28.74
CA PHE A 64 -27.56 -15.49 27.74
C PHE A 64 -26.97 -16.27 26.56
N LEU A 65 -26.14 -17.27 26.82
CA LEU A 65 -25.55 -18.04 25.73
C LEU A 65 -26.63 -18.56 24.79
N THR A 66 -27.76 -18.96 25.36
CA THR A 66 -28.88 -19.50 24.59
C THR A 66 -29.51 -18.40 23.73
N LEU A 67 -29.66 -17.22 24.32
CA LEU A 67 -30.22 -16.08 23.63
C LEU A 67 -29.36 -15.80 22.42
N LEU A 68 -28.04 -15.77 22.62
CA LEU A 68 -27.11 -15.50 21.53
C LEU A 68 -27.16 -16.57 20.44
N GLU A 69 -27.29 -17.83 20.83
CA GLU A 69 -27.35 -18.89 19.84
C GLU A 69 -28.66 -18.79 19.08
N LEU A 70 -29.70 -18.26 19.73
CA LEU A 70 -30.98 -18.11 19.07
C LEU A 70 -30.86 -17.04 18.01
N ILE A 71 -30.28 -15.91 18.40
CA ILE A 71 -30.08 -14.79 17.50
C ILE A 71 -29.28 -15.22 16.27
N ASP A 72 -28.26 -16.03 16.52
CA ASP A 72 -27.38 -16.56 15.48
C ASP A 72 -28.15 -17.37 14.46
N ASN A 73 -29.05 -18.24 14.92
CA ASN A 73 -29.83 -19.06 14.00
C ASN A 73 -30.82 -18.18 13.24
N VAL A 74 -31.49 -17.31 13.97
CA VAL A 74 -32.46 -16.41 13.36
C VAL A 74 -31.81 -15.69 12.19
N GLN A 75 -30.61 -15.17 12.44
CA GLN A 75 -29.85 -14.47 11.42
C GLN A 75 -29.35 -15.41 10.32
N ARG A 76 -28.72 -16.52 10.68
CA ARG A 76 -28.24 -17.44 9.66
C ARG A 76 -29.34 -17.94 8.75
N LEU A 77 -30.53 -18.13 9.30
CA LEU A 77 -31.68 -18.61 8.54
C LEU A 77 -32.28 -17.53 7.60
N GLY A 78 -31.78 -16.31 7.72
CA GLY A 78 -32.22 -15.23 6.85
C GLY A 78 -33.35 -14.35 7.34
N LEU A 79 -33.55 -14.29 8.65
CA LEU A 79 -34.64 -13.52 9.24
C LEU A 79 -34.19 -12.30 10.05
N GLY A 80 -32.89 -12.09 10.13
CA GLY A 80 -32.39 -10.96 10.90
C GLY A 80 -32.96 -9.61 10.57
N TYR A 81 -33.23 -9.38 9.29
CA TYR A 81 -33.78 -8.09 8.85
C TYR A 81 -35.16 -7.83 9.41
N ARG A 82 -35.82 -8.90 9.85
CA ARG A 82 -37.17 -8.82 10.38
C ARG A 82 -37.25 -8.57 11.89
N PHE A 83 -36.18 -8.93 12.60
CA PHE A 83 -36.09 -8.77 14.06
C PHE A 83 -34.90 -7.89 14.43
N GLU A 84 -34.56 -6.97 13.54
CA GLU A 84 -33.46 -6.05 13.70
C GLU A 84 -33.45 -5.28 15.03
N SER A 85 -34.58 -4.70 15.42
CA SER A 85 -34.60 -3.95 16.66
C SER A 85 -34.64 -4.84 17.88
N ASP A 86 -35.29 -5.99 17.77
CA ASP A 86 -35.39 -6.92 18.88
C ASP A 86 -34.00 -7.43 19.26
N ILE A 87 -33.18 -7.76 18.26
CA ILE A 87 -31.82 -8.27 18.46
C ILE A 87 -30.88 -7.24 19.07
N ARG A 88 -31.02 -5.97 18.67
CA ARG A 88 -30.19 -4.91 19.21
C ARG A 88 -30.55 -4.71 20.68
N ARG A 89 -31.84 -4.79 20.97
CA ARG A 89 -32.33 -4.62 22.33
C ARG A 89 -31.75 -5.72 23.22
N ALA A 90 -31.79 -6.95 22.74
CA ALA A 90 -31.27 -8.10 23.49
C ALA A 90 -29.78 -7.95 23.75
N LEU A 91 -29.04 -7.60 22.72
CA LEU A 91 -27.60 -7.44 22.88
C LEU A 91 -27.32 -6.33 23.87
N ASP A 92 -28.19 -5.33 23.88
CA ASP A 92 -28.00 -4.20 24.78
C ASP A 92 -28.07 -4.56 26.26
N ARG A 93 -29.06 -5.37 26.63
CA ARG A 93 -29.17 -5.77 28.02
C ARG A 93 -28.18 -6.88 28.34
N PHE A 94 -27.61 -7.50 27.31
CA PHE A 94 -26.62 -8.54 27.55
C PHE A 94 -25.32 -7.85 27.93
N VAL A 95 -25.20 -6.59 27.56
CA VAL A 95 -24.01 -5.83 27.87
C VAL A 95 -24.16 -5.11 29.20
N SER A 96 -25.27 -4.38 29.35
CA SER A 96 -25.50 -3.64 30.58
C SER A 96 -25.44 -4.56 31.80
N SER A 97 -26.16 -5.67 31.74
CA SER A 97 -26.15 -6.62 32.86
C SER A 97 -24.73 -7.13 33.11
N GLY A 98 -23.82 -6.83 32.19
CA GLY A 98 -22.45 -7.27 32.34
C GLY A 98 -22.26 -8.73 31.98
N GLY A 99 -23.28 -9.34 31.39
CA GLY A 99 -23.21 -10.73 31.01
C GLY A 99 -22.05 -11.02 30.06
N PHE A 100 -21.61 -9.99 29.34
CA PHE A 100 -20.51 -10.12 28.39
C PHE A 100 -19.17 -10.14 29.12
N ASP A 101 -19.06 -9.32 30.16
CA ASP A 101 -17.83 -9.24 30.96
C ASP A 101 -17.46 -10.59 31.58
N GLY A 102 -18.47 -11.31 32.05
CA GLY A 102 -18.24 -12.61 32.65
C GLY A 102 -18.01 -13.70 31.61
N VAL A 103 -18.66 -13.55 30.47
CA VAL A 103 -18.55 -14.52 29.37
C VAL A 103 -17.11 -14.56 28.83
N THR A 104 -16.47 -13.40 28.74
CA THR A 104 -15.10 -13.32 28.23
C THR A 104 -14.12 -14.07 29.11
N LYS A 105 -14.63 -14.68 30.17
CA LYS A 105 -13.80 -15.42 31.10
C LYS A 105 -14.30 -16.86 31.28
N THR A 106 -15.47 -17.16 30.72
CA THR A 106 -16.04 -18.49 30.83
C THR A 106 -15.78 -19.37 29.60
N SER A 107 -16.53 -19.14 28.52
CA SER A 107 -16.38 -19.93 27.30
C SER A 107 -15.84 -19.13 26.13
N LEU A 108 -15.08 -19.81 25.26
CA LEU A 108 -14.51 -19.18 24.09
C LEU A 108 -15.64 -18.99 23.08
N HIS A 109 -16.44 -20.04 22.95
CA HIS A 109 -17.58 -20.02 22.05
C HIS A 109 -18.49 -18.85 22.37
N ALA A 110 -18.74 -18.63 23.67
CA ALA A 110 -19.61 -17.54 24.08
C ALA A 110 -18.97 -16.19 23.75
N THR A 111 -17.67 -16.06 24.01
CA THR A 111 -16.96 -14.81 23.75
C THR A 111 -17.01 -14.48 22.26
N ALA A 112 -16.51 -15.40 21.44
CA ALA A 112 -16.48 -15.22 20.00
C ALA A 112 -17.86 -14.89 19.43
N LEU A 113 -18.84 -15.75 19.69
CA LEU A 113 -20.19 -15.55 19.20
C LEU A 113 -20.75 -14.20 19.64
N SER A 114 -20.64 -13.90 20.94
CA SER A 114 -21.16 -12.63 21.45
C SER A 114 -20.40 -11.46 20.81
N PHE A 115 -19.11 -11.65 20.60
CA PHE A 115 -18.25 -10.64 20.00
C PHE A 115 -18.72 -10.32 18.59
N ARG A 116 -18.91 -11.38 17.80
CA ARG A 116 -19.35 -11.20 16.43
C ARG A 116 -20.69 -10.49 16.36
N LEU A 117 -21.67 -10.95 17.13
CA LEU A 117 -22.99 -10.34 17.12
C LEU A 117 -22.93 -8.90 17.61
N LEU A 118 -22.14 -8.64 18.64
CA LEU A 118 -22.03 -7.28 19.16
C LEU A 118 -21.41 -6.31 18.15
N ARG A 119 -20.28 -6.68 17.59
CA ARG A 119 -19.64 -5.79 16.62
C ARG A 119 -20.50 -5.60 15.39
N GLN A 120 -21.17 -6.67 15.00
CA GLN A 120 -22.03 -6.65 13.84
C GLN A 120 -23.13 -5.62 13.99
N HIS A 121 -23.56 -5.43 15.23
CA HIS A 121 -24.63 -4.52 15.51
C HIS A 121 -24.20 -3.14 16.03
N GLY A 122 -22.97 -2.77 15.69
CA GLY A 122 -22.44 -1.48 16.06
C GLY A 122 -21.90 -1.31 17.46
N PHE A 123 -22.04 -2.35 18.28
CA PHE A 123 -21.56 -2.28 19.65
C PHE A 123 -20.05 -2.22 19.69
N GLU A 124 -19.54 -1.53 20.70
CA GLU A 124 -18.10 -1.39 20.85
C GLU A 124 -17.48 -2.52 21.66
N VAL A 125 -16.65 -3.32 20.99
CA VAL A 125 -15.96 -4.43 21.64
C VAL A 125 -14.48 -4.40 21.29
N SER A 126 -13.67 -4.89 22.24
CA SER A 126 -12.23 -4.92 22.10
C SER A 126 -11.71 -6.33 21.82
N GLN A 127 -10.61 -6.42 21.06
CA GLN A 127 -10.01 -7.71 20.74
C GLN A 127 -9.38 -8.32 21.99
N GLU A 128 -9.31 -7.52 23.05
CA GLU A 128 -8.73 -7.96 24.31
C GLU A 128 -9.65 -8.96 25.02
N ALA A 129 -10.83 -9.19 24.46
CA ALA A 129 -11.77 -10.12 25.08
C ALA A 129 -11.33 -11.55 24.80
N PHE A 130 -10.23 -11.69 24.06
CA PHE A 130 -9.69 -13.00 23.70
C PHE A 130 -8.32 -13.21 24.35
N SER A 131 -7.80 -12.16 24.97
CA SER A 131 -6.49 -12.23 25.61
C SER A 131 -6.48 -13.21 26.77
N GLY A 132 -7.67 -13.59 27.24
CA GLY A 132 -7.74 -14.53 28.35
C GLY A 132 -7.73 -15.98 27.91
N PHE A 133 -7.48 -16.21 26.62
CA PHE A 133 -7.47 -17.57 26.09
C PHE A 133 -6.10 -17.93 25.51
N LYS A 134 -5.08 -17.21 25.98
CA LYS A 134 -3.72 -17.42 25.54
C LYS A 134 -2.83 -17.94 26.67
N ASP A 135 -1.57 -18.23 26.36
CA ASP A 135 -0.62 -18.71 27.37
C ASP A 135 0.45 -17.65 27.60
N GLN A 136 1.43 -17.96 28.44
CA GLN A 136 2.52 -17.02 28.76
C GLN A 136 3.26 -16.58 27.50
N ASN A 137 3.25 -17.44 26.48
CA ASN A 137 3.92 -17.17 25.22
C ASN A 137 3.06 -16.31 24.30
N GLY A 138 1.85 -15.99 24.75
CA GLY A 138 0.96 -15.17 23.95
C GLY A 138 0.30 -15.94 22.81
N ASN A 139 0.07 -17.24 23.03
CA ASN A 139 -0.57 -18.10 22.03
C ASN A 139 -1.82 -18.76 22.59
N PHE A 140 -2.80 -18.99 21.73
CA PHE A 140 -4.05 -19.63 22.15
C PHE A 140 -3.79 -21.04 22.63
N LEU A 141 -4.36 -21.40 23.78
CA LEU A 141 -4.18 -22.72 24.36
C LEU A 141 -4.48 -23.83 23.35
N GLU A 142 -3.48 -24.65 23.06
CA GLU A 142 -3.62 -25.73 22.08
C GLU A 142 -4.74 -26.71 22.42
N ASN A 143 -5.15 -26.74 23.68
CA ASN A 143 -6.20 -27.66 24.10
C ASN A 143 -7.59 -27.17 23.67
N LEU A 144 -7.66 -25.91 23.26
CA LEU A 144 -8.92 -25.33 22.81
C LEU A 144 -9.44 -26.05 21.56
N LYS A 145 -8.52 -26.65 20.80
CA LYS A 145 -8.90 -27.34 19.58
C LYS A 145 -9.81 -28.54 19.87
N GLU A 146 -10.00 -28.84 21.15
CA GLU A 146 -10.87 -29.95 21.54
C GLU A 146 -12.32 -29.60 21.25
N ASP A 147 -12.71 -28.38 21.58
CA ASP A 147 -14.08 -27.92 21.34
C ASP A 147 -14.18 -27.24 19.98
N THR A 148 -14.33 -28.06 18.94
CA THR A 148 -14.44 -27.59 17.58
C THR A 148 -15.46 -26.46 17.42
N LYS A 149 -16.57 -26.54 18.14
CA LYS A 149 -17.58 -25.49 18.04
C LYS A 149 -17.00 -24.12 18.34
N ALA A 150 -16.30 -23.99 19.47
CA ALA A 150 -15.68 -22.71 19.85
C ALA A 150 -14.69 -22.26 18.79
N ILE A 151 -13.94 -23.20 18.24
CA ILE A 151 -12.97 -22.87 17.21
C ILE A 151 -13.68 -22.31 15.99
N LEU A 152 -14.85 -22.83 15.67
CA LEU A 152 -15.60 -22.32 14.54
C LEU A 152 -16.07 -20.90 14.84
N SER A 153 -16.50 -20.67 16.07
CA SER A 153 -16.98 -19.36 16.44
C SER A 153 -15.90 -18.30 16.36
N LEU A 154 -14.73 -18.64 16.90
CA LEU A 154 -13.60 -17.72 16.90
C LEU A 154 -13.30 -17.37 15.44
N TYR A 155 -13.29 -18.39 14.60
CA TYR A 155 -13.02 -18.23 13.17
C TYR A 155 -13.94 -17.17 12.59
N GLU A 156 -15.25 -17.42 12.70
CA GLU A 156 -16.25 -16.51 12.17
C GLU A 156 -16.08 -15.08 12.68
N ALA A 157 -15.75 -14.93 13.94
CA ALA A 157 -15.59 -13.61 14.53
C ALA A 157 -14.34 -12.86 14.04
N SER A 158 -13.27 -13.60 13.77
CA SER A 158 -12.02 -12.99 13.31
C SER A 158 -12.22 -12.16 12.05
N PHE A 159 -13.19 -12.52 11.23
CA PHE A 159 -13.41 -11.80 10.00
C PHE A 159 -13.97 -10.42 10.17
N LEU A 160 -14.44 -10.08 11.36
CA LEU A 160 -14.97 -8.75 11.60
C LEU A 160 -13.87 -7.88 12.18
N ALA A 161 -12.64 -8.33 12.03
CA ALA A 161 -11.47 -7.63 12.55
C ALA A 161 -11.26 -6.30 11.85
N LEU A 162 -10.68 -5.37 12.59
CA LEU A 162 -10.38 -4.05 12.06
C LEU A 162 -8.87 -3.98 11.83
N GLU A 163 -8.40 -2.85 11.31
CA GLU A 163 -6.98 -2.70 11.07
C GLU A 163 -6.28 -2.61 12.42
N GLY A 164 -5.16 -3.31 12.56
CA GLY A 164 -4.43 -3.27 13.81
C GLY A 164 -4.70 -4.41 14.77
N GLU A 165 -5.94 -4.87 14.83
CA GLU A 165 -6.31 -5.96 15.73
C GLU A 165 -5.57 -7.27 15.41
N ASN A 166 -4.32 -7.36 15.86
CA ASN A 166 -3.51 -8.54 15.62
C ASN A 166 -4.03 -9.81 16.27
N ILE A 167 -4.61 -9.69 17.47
CA ILE A 167 -5.13 -10.89 18.15
C ILE A 167 -6.11 -11.63 17.26
N LEU A 168 -7.01 -10.89 16.63
CA LEU A 168 -8.01 -11.48 15.75
C LEU A 168 -7.36 -12.13 14.53
N ASP A 169 -6.33 -11.47 14.00
CA ASP A 169 -5.60 -11.99 12.84
C ASP A 169 -4.94 -13.32 13.23
N GLU A 170 -4.38 -13.36 14.44
CA GLU A 170 -3.71 -14.56 14.97
C GLU A 170 -4.75 -15.64 15.20
N ALA A 171 -5.89 -15.22 15.72
CA ALA A 171 -6.98 -16.14 16.00
C ALA A 171 -7.45 -16.80 14.71
N ARG A 172 -7.48 -16.03 13.61
CA ARG A 172 -7.91 -16.58 12.34
C ARG A 172 -6.95 -17.68 11.91
N VAL A 173 -5.66 -17.47 12.21
CA VAL A 173 -4.62 -18.42 11.85
C VAL A 173 -4.74 -19.67 12.70
N PHE A 174 -4.91 -19.48 14.00
CA PHE A 174 -5.06 -20.61 14.92
C PHE A 174 -6.29 -21.43 14.61
N ALA A 175 -7.32 -20.76 14.10
CA ALA A 175 -8.56 -21.44 13.78
C ALA A 175 -8.48 -22.29 12.52
N ILE A 176 -7.96 -21.71 11.44
CA ILE A 176 -7.85 -22.42 10.17
C ILE A 176 -6.98 -23.66 10.30
N SER A 177 -5.93 -23.56 11.10
CA SER A 177 -5.02 -24.68 11.30
C SER A 177 -5.80 -25.90 11.81
N HIS A 178 -6.59 -25.72 12.86
CA HIS A 178 -7.38 -26.82 13.43
C HIS A 178 -8.51 -27.31 12.53
N LEU A 179 -9.24 -26.38 11.91
CA LEU A 179 -10.37 -26.74 11.05
C LEU A 179 -9.98 -27.56 9.82
N LYS A 180 -8.82 -27.25 9.24
CA LYS A 180 -8.33 -27.97 8.08
C LYS A 180 -8.01 -29.43 8.43
N GLU A 181 -7.29 -29.61 9.54
CA GLU A 181 -6.88 -30.93 10.03
C GLU A 181 -8.06 -31.72 10.61
N LEU A 182 -9.27 -31.43 10.15
CA LEU A 182 -10.46 -32.10 10.64
C LEU A 182 -10.94 -33.23 9.74
N SER A 183 -11.95 -33.95 10.20
CA SER A 183 -12.53 -35.07 9.46
C SER A 183 -13.90 -35.42 10.02
N GLU A 184 -14.84 -35.76 9.13
CA GLU A 184 -16.19 -36.12 9.53
C GLU A 184 -16.18 -37.20 10.60
N GLU A 185 -15.23 -38.12 10.49
CA GLU A 185 -15.10 -39.22 11.42
C GLU A 185 -14.89 -38.80 12.88
N LYS A 186 -14.21 -37.68 13.09
CA LYS A 186 -13.94 -37.23 14.45
C LYS A 186 -15.01 -36.33 15.08
N ILE A 187 -15.65 -35.51 14.25
CA ILE A 187 -16.68 -34.57 14.73
C ILE A 187 -18.13 -34.94 14.38
N GLY A 188 -18.32 -35.71 13.32
CA GLY A 188 -19.66 -36.08 12.91
C GLY A 188 -20.07 -35.39 11.62
N LYS A 189 -20.89 -36.05 10.82
CA LYS A 189 -21.33 -35.49 9.54
C LYS A 189 -21.91 -34.07 9.65
N GLU A 190 -22.50 -33.74 10.80
CA GLU A 190 -23.10 -32.43 10.99
C GLU A 190 -22.06 -31.32 11.16
N LEU A 191 -21.23 -31.45 12.19
CA LEU A 191 -20.19 -30.47 12.48
C LEU A 191 -19.23 -30.36 11.29
N ALA A 192 -19.01 -31.48 10.63
CA ALA A 192 -18.13 -31.54 9.48
C ALA A 192 -18.66 -30.63 8.39
N GLU A 193 -19.94 -30.80 8.06
CA GLU A 193 -20.58 -29.98 7.04
C GLU A 193 -20.56 -28.52 7.44
N GLN A 194 -20.46 -28.26 8.75
CA GLN A 194 -20.45 -26.90 9.24
C GLN A 194 -19.07 -26.29 9.02
N VAL A 195 -18.02 -27.07 9.29
CA VAL A 195 -16.64 -26.62 9.10
C VAL A 195 -16.35 -26.35 7.62
N ASN A 196 -16.72 -27.28 6.76
CA ASN A 196 -16.48 -27.10 5.32
C ASN A 196 -17.14 -25.82 4.77
N HIS A 197 -18.32 -25.50 5.30
CA HIS A 197 -19.08 -24.32 4.89
C HIS A 197 -18.32 -23.04 5.31
N ALA A 198 -17.89 -23.01 6.57
CA ALA A 198 -17.15 -21.86 7.09
C ALA A 198 -15.89 -21.62 6.28
N LEU A 199 -15.17 -22.70 5.98
CA LEU A 199 -13.95 -22.58 5.20
C LEU A 199 -14.25 -22.06 3.80
N GLU A 200 -15.27 -22.63 3.17
CA GLU A 200 -15.65 -22.21 1.83
C GLU A 200 -15.79 -20.69 1.77
N LEU A 201 -16.33 -20.12 2.85
CA LEU A 201 -16.53 -18.68 2.96
C LEU A 201 -17.12 -18.33 4.33
N PRO A 202 -16.41 -17.50 5.11
CA PRO A 202 -16.92 -17.12 6.42
C PRO A 202 -18.27 -16.41 6.34
N LEU A 203 -19.05 -16.51 7.42
CA LEU A 203 -20.37 -15.91 7.52
C LEU A 203 -20.39 -14.44 7.13
N HIS A 204 -19.40 -13.68 7.61
CA HIS A 204 -19.32 -12.26 7.36
C HIS A 204 -19.13 -11.89 5.89
N ARG A 205 -18.69 -12.84 5.07
CA ARG A 205 -18.46 -12.59 3.65
C ARG A 205 -19.51 -13.19 2.72
N ARG A 206 -20.26 -14.17 3.22
CA ARG A 206 -21.28 -14.80 2.38
C ARG A 206 -22.56 -13.94 2.29
N THR A 207 -23.22 -13.93 1.14
CA THR A 207 -24.45 -13.14 0.97
C THR A 207 -25.54 -13.72 1.88
N GLN A 208 -26.48 -12.89 2.35
CA GLN A 208 -27.51 -13.38 3.27
C GLN A 208 -28.49 -14.39 2.66
N ARG A 209 -28.85 -14.19 1.40
CA ARG A 209 -29.77 -15.10 0.75
C ARG A 209 -29.15 -16.50 0.58
N LEU A 210 -27.90 -16.56 0.12
CA LEU A 210 -27.21 -17.84 -0.06
C LEU A 210 -26.99 -18.59 1.24
N GLU A 211 -26.64 -17.86 2.29
CA GLU A 211 -26.38 -18.45 3.58
C GLU A 211 -27.67 -18.99 4.18
N ALA A 212 -28.77 -18.35 3.82
CA ALA A 212 -30.08 -18.76 4.32
C ALA A 212 -30.53 -20.08 3.70
N VAL A 213 -30.33 -20.22 2.39
CA VAL A 213 -30.75 -21.45 1.72
C VAL A 213 -30.02 -22.61 2.35
N TRP A 214 -28.72 -22.42 2.56
CA TRP A 214 -27.89 -23.45 3.13
C TRP A 214 -28.23 -23.77 4.59
N SER A 215 -28.43 -22.74 5.39
CA SER A 215 -28.73 -22.95 6.78
C SER A 215 -30.11 -23.57 6.98
N ILE A 216 -31.08 -23.19 6.14
CA ILE A 216 -32.42 -23.77 6.24
C ILE A 216 -32.36 -25.27 5.92
N GLU A 217 -31.55 -25.68 4.93
CA GLU A 217 -31.46 -27.10 4.61
C GLU A 217 -30.76 -27.84 5.74
N ALA A 218 -29.88 -27.12 6.41
CA ALA A 218 -29.11 -27.70 7.50
C ALA A 218 -29.94 -27.82 8.77
N TYR A 219 -30.67 -26.75 9.10
CA TYR A 219 -31.49 -26.71 10.30
C TYR A 219 -32.63 -27.75 10.27
N ARG A 220 -33.30 -27.86 9.13
CA ARG A 220 -34.41 -28.80 9.02
C ARG A 220 -34.02 -30.27 9.23
N LYS A 221 -32.74 -30.55 9.44
CA LYS A 221 -32.32 -31.92 9.68
C LYS A 221 -32.05 -32.17 11.15
N LYS A 222 -31.87 -31.10 11.93
CA LYS A 222 -31.63 -31.24 13.36
C LYS A 222 -32.88 -31.81 14.01
N GLU A 223 -32.70 -32.85 14.83
CA GLU A 223 -33.83 -33.46 15.51
C GLU A 223 -34.36 -32.55 16.61
N ASP A 224 -33.58 -31.55 17.00
CA ASP A 224 -33.99 -30.64 18.05
C ASP A 224 -34.10 -29.19 17.55
N ALA A 225 -34.35 -29.04 16.25
CA ALA A 225 -34.49 -27.71 15.68
C ALA A 225 -35.84 -27.12 16.01
N ASN A 226 -35.84 -25.87 16.46
CA ASN A 226 -37.06 -25.15 16.82
C ASN A 226 -37.99 -25.15 15.61
N GLN A 227 -39.06 -25.94 15.67
CA GLN A 227 -39.99 -26.04 14.55
C GLN A 227 -40.64 -24.71 14.16
N VAL A 228 -41.03 -23.91 15.16
CA VAL A 228 -41.64 -22.62 14.87
C VAL A 228 -40.69 -21.74 14.06
N LEU A 229 -39.45 -21.65 14.50
CA LEU A 229 -38.44 -20.86 13.82
C LEU A 229 -38.16 -21.42 12.43
N LEU A 230 -38.07 -22.73 12.33
CA LEU A 230 -37.80 -23.40 11.07
C LEU A 230 -38.90 -23.13 10.05
N GLU A 231 -40.16 -23.23 10.48
CA GLU A 231 -41.26 -22.98 9.56
C GLU A 231 -41.28 -21.52 9.09
N LEU A 232 -40.97 -20.61 10.00
CA LEU A 232 -40.97 -19.19 9.67
C LEU A 232 -39.88 -18.90 8.62
N ALA A 233 -38.70 -19.48 8.82
CA ALA A 233 -37.57 -19.30 7.92
C ALA A 233 -37.95 -19.72 6.50
N ILE A 234 -38.54 -20.89 6.40
CA ILE A 234 -38.95 -21.43 5.11
C ILE A 234 -40.03 -20.58 4.47
N LEU A 235 -41.01 -20.22 5.27
CA LEU A 235 -42.13 -19.46 4.75
C LEU A 235 -41.66 -18.10 4.27
N ASP A 236 -40.84 -17.45 5.08
CA ASP A 236 -40.33 -16.13 4.73
C ASP A 236 -39.42 -16.19 3.50
N TYR A 237 -38.54 -17.19 3.45
CA TYR A 237 -37.63 -17.34 2.31
C TYR A 237 -38.39 -17.46 0.97
N ASN A 238 -39.42 -18.29 0.93
CA ASN A 238 -40.20 -18.47 -0.29
C ASN A 238 -41.00 -17.23 -0.63
N MET A 239 -41.37 -16.47 0.38
CA MET A 239 -42.13 -15.27 0.16
C MET A 239 -41.26 -14.25 -0.56
N ILE A 240 -40.04 -14.07 -0.06
CA ILE A 240 -39.13 -13.12 -0.65
C ILE A 240 -38.77 -13.53 -2.07
N GLN A 241 -38.57 -14.83 -2.27
CA GLN A 241 -38.22 -15.34 -3.59
C GLN A 241 -39.31 -15.01 -4.59
N SER A 242 -40.55 -14.98 -4.14
CA SER A 242 -41.67 -14.68 -5.02
C SER A 242 -41.53 -13.26 -5.54
N VAL A 243 -41.10 -12.35 -4.67
CA VAL A 243 -40.90 -10.96 -5.07
C VAL A 243 -39.83 -10.90 -6.16
N TYR A 244 -38.72 -11.61 -5.94
CA TYR A 244 -37.64 -11.65 -6.92
C TYR A 244 -38.16 -12.09 -8.28
N GLN A 245 -38.97 -13.15 -8.27
CA GLN A 245 -39.54 -13.68 -9.50
C GLN A 245 -40.39 -12.64 -10.18
N ARG A 246 -41.16 -11.89 -9.38
CA ARG A 246 -42.01 -10.85 -9.90
C ARG A 246 -41.10 -9.74 -10.44
N ASP A 247 -40.04 -9.39 -9.71
CA ASP A 247 -39.10 -8.35 -10.14
C ASP A 247 -38.44 -8.75 -11.45
N LEU A 248 -37.92 -9.97 -11.48
CA LEU A 248 -37.25 -10.49 -12.67
C LEU A 248 -38.18 -10.61 -13.86
N ARG A 249 -39.45 -10.82 -13.59
CA ARG A 249 -40.44 -10.94 -14.63
C ARG A 249 -40.64 -9.61 -15.34
N GLU A 250 -40.73 -8.52 -14.56
CA GLU A 250 -40.90 -7.19 -15.14
C GLU A 250 -39.64 -6.77 -15.88
N THR A 251 -38.49 -7.06 -15.27
CA THR A 251 -37.23 -6.67 -15.87
C THR A 251 -36.93 -7.51 -17.11
N SER A 252 -37.34 -8.78 -17.11
CA SER A 252 -37.11 -9.64 -18.28
C SER A 252 -37.95 -9.14 -19.45
N ARG A 253 -39.10 -8.53 -19.14
CA ARG A 253 -39.99 -8.00 -20.16
C ARG A 253 -39.33 -6.77 -20.78
N TRP A 254 -38.82 -5.91 -19.91
CA TRP A 254 -38.14 -4.70 -20.33
C TRP A 254 -36.94 -5.05 -21.20
N TRP A 255 -36.11 -5.97 -20.70
CA TRP A 255 -34.94 -6.39 -21.44
C TRP A 255 -35.31 -6.84 -22.85
N ARG A 256 -36.19 -7.84 -22.94
CA ARG A 256 -36.65 -8.37 -24.21
C ARG A 256 -37.25 -7.27 -25.08
N ARG A 257 -37.90 -6.31 -24.43
CA ARG A 257 -38.50 -5.18 -25.14
C ARG A 257 -37.39 -4.42 -25.88
N VAL A 258 -36.32 -4.08 -25.17
CA VAL A 258 -35.18 -3.36 -25.73
C VAL A 258 -34.54 -4.17 -26.85
N GLY A 259 -34.59 -5.49 -26.72
CA GLY A 259 -34.04 -6.39 -27.72
C GLY A 259 -32.60 -6.18 -28.14
N LEU A 260 -31.86 -5.42 -27.35
CA LEU A 260 -30.47 -5.13 -27.66
C LEU A 260 -29.63 -6.40 -27.74
N ALA A 261 -29.95 -7.36 -26.91
CA ALA A 261 -29.23 -8.62 -26.87
C ALA A 261 -29.42 -9.47 -28.12
N THR A 262 -30.56 -9.35 -28.78
CA THR A 262 -30.80 -10.14 -29.97
C THR A 262 -30.28 -9.45 -31.23
N LYS A 263 -30.35 -8.13 -31.26
CA LYS A 263 -29.87 -7.37 -32.40
C LYS A 263 -28.34 -7.33 -32.53
N LEU A 264 -27.63 -7.61 -31.44
CA LEU A 264 -26.17 -7.62 -31.48
C LEU A 264 -25.71 -9.07 -31.36
N HIS A 265 -25.49 -9.67 -32.51
CA HIS A 265 -25.07 -11.06 -32.61
C HIS A 265 -23.80 -11.44 -31.83
N PHE A 266 -22.98 -10.45 -31.49
CA PHE A 266 -21.74 -10.73 -30.78
C PHE A 266 -21.90 -10.65 -29.27
N ALA A 267 -22.92 -9.90 -28.83
CA ALA A 267 -23.18 -9.69 -27.41
C ALA A 267 -23.83 -10.86 -26.69
N ARG A 268 -23.50 -10.99 -25.41
CA ARG A 268 -24.06 -12.07 -24.62
C ARG A 268 -25.10 -11.52 -23.64
N ASP A 269 -26.17 -12.30 -23.43
CA ASP A 269 -27.28 -11.95 -22.54
C ASP A 269 -26.99 -12.46 -21.13
N ARG A 270 -26.93 -11.53 -20.18
CA ARG A 270 -26.67 -11.87 -18.78
C ARG A 270 -27.67 -11.21 -17.84
N LEU A 271 -28.95 -11.18 -18.23
CA LEU A 271 -30.00 -10.56 -17.43
C LEU A 271 -30.26 -11.38 -16.15
N ILE A 272 -30.44 -12.69 -16.30
CA ILE A 272 -30.68 -13.55 -15.15
C ILE A 272 -29.48 -13.53 -14.20
N GLU A 273 -28.27 -13.66 -14.75
CA GLU A 273 -27.06 -13.65 -13.92
C GLU A 273 -26.89 -12.29 -13.22
N SER A 274 -27.31 -11.23 -13.91
CA SER A 274 -27.23 -9.86 -13.41
C SER A 274 -28.20 -9.65 -12.27
N PHE A 275 -29.37 -10.28 -12.40
CA PHE A 275 -30.38 -10.15 -11.37
C PHE A 275 -29.94 -10.91 -10.14
N TYR A 276 -29.39 -12.10 -10.35
CA TYR A 276 -28.89 -12.93 -9.27
C TYR A 276 -27.88 -12.08 -8.48
N TRP A 277 -27.06 -11.34 -9.22
CA TRP A 277 -26.03 -10.46 -8.64
C TRP A 277 -26.67 -9.34 -7.83
N ALA A 278 -27.79 -8.82 -8.32
CA ALA A 278 -28.49 -7.74 -7.62
C ALA A 278 -29.07 -8.24 -6.30
N VAL A 279 -29.51 -9.49 -6.26
CA VAL A 279 -30.07 -10.03 -5.03
C VAL A 279 -29.03 -10.01 -3.92
N GLY A 280 -27.77 -10.23 -4.30
CA GLY A 280 -26.72 -10.22 -3.30
C GLY A 280 -26.52 -8.83 -2.73
N VAL A 281 -26.75 -7.81 -3.55
CA VAL A 281 -26.59 -6.42 -3.16
C VAL A 281 -27.72 -5.88 -2.29
N ALA A 282 -28.95 -6.30 -2.58
CA ALA A 282 -30.11 -5.83 -1.82
C ALA A 282 -31.18 -6.93 -1.79
N PHE A 283 -31.09 -7.83 -0.82
CA PHE A 283 -32.05 -8.93 -0.71
C PHE A 283 -33.38 -8.55 -0.09
N GLU A 284 -33.39 -7.59 0.81
CA GLU A 284 -34.65 -7.18 1.46
C GLU A 284 -35.72 -6.97 0.40
N PRO A 285 -36.91 -7.54 0.61
CA PRO A 285 -38.00 -7.38 -0.37
C PRO A 285 -38.36 -5.95 -0.76
N GLN A 286 -38.30 -5.01 0.17
CA GLN A 286 -38.63 -3.62 -0.15
C GLN A 286 -37.66 -2.94 -1.13
N TYR A 287 -36.58 -3.62 -1.51
CA TYR A 287 -35.60 -3.03 -2.43
C TYR A 287 -35.67 -3.44 -3.91
N SER A 288 -36.87 -3.59 -4.44
CA SER A 288 -37.03 -3.97 -5.84
C SER A 288 -36.38 -3.00 -6.81
N ASP A 289 -36.52 -1.71 -6.55
CA ASP A 289 -35.93 -0.70 -7.42
C ASP A 289 -34.43 -0.88 -7.55
N CYS A 290 -33.77 -0.99 -6.40
CA CYS A 290 -32.33 -1.16 -6.37
C CYS A 290 -31.97 -2.42 -7.11
N ARG A 291 -32.75 -3.46 -6.85
CA ARG A 291 -32.54 -4.74 -7.48
C ARG A 291 -32.66 -4.59 -9.01
N ASN A 292 -33.70 -3.91 -9.47
CA ASN A 292 -33.89 -3.71 -10.91
C ASN A 292 -32.91 -2.73 -11.52
N SER A 293 -32.63 -1.65 -10.80
CA SER A 293 -31.69 -0.66 -11.26
C SER A 293 -30.31 -1.34 -11.45
N VAL A 294 -29.88 -2.11 -10.47
CA VAL A 294 -28.59 -2.77 -10.58
C VAL A 294 -28.59 -3.89 -11.64
N ALA A 295 -29.70 -4.59 -11.79
CA ALA A 295 -29.78 -5.67 -12.80
C ALA A 295 -29.67 -5.07 -14.21
N LYS A 296 -30.41 -4.00 -14.45
CA LYS A 296 -30.40 -3.33 -15.74
C LYS A 296 -29.03 -2.77 -16.05
N MET A 297 -28.45 -2.11 -15.06
CA MET A 297 -27.15 -1.51 -15.25
C MET A 297 -26.07 -2.52 -15.61
N PHE A 298 -25.99 -3.62 -14.86
CA PHE A 298 -24.99 -4.65 -15.12
C PHE A 298 -25.23 -5.29 -16.49
N SER A 299 -26.48 -5.31 -16.93
CA SER A 299 -26.82 -5.89 -18.22
C SER A 299 -26.24 -5.06 -19.36
N PHE A 300 -26.29 -3.75 -19.20
CA PHE A 300 -25.74 -2.86 -20.20
C PHE A 300 -24.24 -2.91 -20.10
N VAL A 301 -23.73 -3.10 -18.89
CA VAL A 301 -22.29 -3.17 -18.70
C VAL A 301 -21.72 -4.36 -19.46
N THR A 302 -22.44 -5.47 -19.41
CA THR A 302 -22.01 -6.68 -20.09
C THR A 302 -21.80 -6.48 -21.58
N ILE A 303 -22.79 -5.85 -22.24
CA ILE A 303 -22.74 -5.61 -23.67
C ILE A 303 -21.68 -4.60 -24.08
N ILE A 304 -21.61 -3.51 -23.32
CA ILE A 304 -20.64 -2.47 -23.62
C ILE A 304 -19.23 -2.98 -23.34
N ASP A 305 -19.08 -3.79 -22.29
CA ASP A 305 -17.80 -4.37 -21.96
C ASP A 305 -17.33 -5.19 -23.15
N ASP A 306 -18.24 -5.96 -23.73
CA ASP A 306 -17.91 -6.77 -24.91
C ASP A 306 -17.49 -5.90 -26.08
N ILE A 307 -18.14 -4.74 -26.24
CA ILE A 307 -17.84 -3.84 -27.33
C ILE A 307 -16.39 -3.31 -27.28
N TYR A 308 -15.92 -2.97 -26.09
CA TYR A 308 -14.56 -2.47 -25.89
C TYR A 308 -13.53 -3.59 -25.80
N ASP A 309 -13.94 -4.71 -25.21
CA ASP A 309 -13.02 -5.82 -25.04
C ASP A 309 -12.66 -6.59 -26.29
N VAL A 310 -13.63 -6.85 -27.16
CA VAL A 310 -13.33 -7.62 -28.36
C VAL A 310 -13.90 -7.18 -29.70
N TYR A 311 -15.11 -6.61 -29.69
CA TYR A 311 -15.77 -6.21 -30.94
C TYR A 311 -15.36 -4.89 -31.60
N GLY A 312 -15.34 -3.80 -30.84
CA GLY A 312 -15.01 -2.50 -31.42
C GLY A 312 -13.55 -2.16 -31.69
N THR A 313 -13.32 -1.35 -32.72
CA THR A 313 -11.96 -0.91 -33.06
C THR A 313 -11.74 0.37 -32.26
N LEU A 314 -10.48 0.69 -31.98
CA LEU A 314 -10.20 1.90 -31.23
C LEU A 314 -10.89 3.14 -31.80
N ASP A 315 -10.93 3.31 -33.12
CA ASP A 315 -11.60 4.51 -33.64
C ASP A 315 -13.07 4.58 -33.21
N GLU A 316 -13.77 3.46 -33.27
CA GLU A 316 -15.20 3.42 -32.88
C GLU A 316 -15.34 3.61 -31.38
N LEU A 317 -14.49 2.93 -30.62
CA LEU A 317 -14.53 3.02 -29.17
C LEU A 317 -14.33 4.45 -28.73
N GLU A 318 -13.51 5.16 -29.49
CA GLU A 318 -13.22 6.55 -29.21
C GLU A 318 -14.51 7.36 -29.38
N LEU A 319 -15.26 7.09 -30.45
CA LEU A 319 -16.52 7.78 -30.75
C LEU A 319 -17.62 7.52 -29.72
N PHE A 320 -17.74 6.26 -29.29
CA PHE A 320 -18.77 5.88 -28.33
C PHE A 320 -18.45 6.57 -27.01
N THR A 321 -17.20 6.50 -26.59
CA THR A 321 -16.79 7.12 -25.34
C THR A 321 -17.14 8.61 -25.42
N ASP A 322 -16.86 9.20 -26.56
CA ASP A 322 -17.15 10.61 -26.76
C ASP A 322 -18.65 10.85 -26.60
N ALA A 323 -19.45 10.00 -27.24
CA ALA A 323 -20.90 10.14 -27.17
C ALA A 323 -21.43 10.07 -25.74
N VAL A 324 -20.90 9.17 -24.91
CA VAL A 324 -21.38 9.09 -23.54
C VAL A 324 -21.00 10.32 -22.71
N GLU A 325 -19.89 10.95 -23.05
CA GLU A 325 -19.49 12.15 -22.31
C GLU A 325 -20.35 13.36 -22.69
N ARG A 326 -20.72 13.47 -23.96
CA ARG A 326 -21.53 14.58 -24.42
C ARG A 326 -23.02 14.39 -24.12
N TRP A 327 -23.41 13.12 -24.01
CA TRP A 327 -24.78 12.73 -23.72
C TRP A 327 -25.72 13.54 -24.57
N ASP A 328 -25.43 13.58 -25.87
CA ASP A 328 -26.23 14.33 -26.81
C ASP A 328 -26.96 13.37 -27.75
N VAL A 329 -28.29 13.32 -27.67
CA VAL A 329 -29.03 12.42 -28.54
C VAL A 329 -28.99 12.88 -29.98
N ASN A 330 -28.90 14.18 -30.22
CA ASN A 330 -28.87 14.71 -31.58
C ASN A 330 -27.55 14.50 -32.28
N ALA A 331 -26.75 13.54 -31.80
CA ALA A 331 -25.46 13.25 -32.39
C ALA A 331 -25.18 11.74 -32.42
N ILE A 332 -26.23 10.95 -32.53
CA ILE A 332 -26.06 9.50 -32.57
C ILE A 332 -25.74 9.09 -33.99
N ASN A 333 -25.96 9.98 -34.94
CA ASN A 333 -25.68 9.64 -36.33
C ASN A 333 -24.18 9.66 -36.61
N ASP A 334 -23.36 9.78 -35.58
CA ASP A 334 -21.92 9.78 -35.78
C ASP A 334 -21.41 8.38 -35.51
N LEU A 335 -22.18 7.61 -34.75
CA LEU A 335 -21.82 6.26 -34.36
C LEU A 335 -22.18 5.23 -35.42
N PRO A 336 -21.41 4.12 -35.47
CA PRO A 336 -21.76 3.11 -36.46
C PRO A 336 -23.08 2.48 -36.02
N ASP A 337 -23.76 1.83 -36.95
CA ASP A 337 -25.04 1.21 -36.66
C ASP A 337 -25.17 0.46 -35.35
N TYR A 338 -24.26 -0.47 -35.07
CA TYR A 338 -24.41 -1.22 -33.84
C TYR A 338 -24.26 -0.35 -32.61
N MET A 339 -23.32 0.59 -32.60
CA MET A 339 -23.19 1.45 -31.43
C MET A 339 -24.37 2.41 -31.34
N LYS A 340 -24.91 2.79 -32.49
CA LYS A 340 -26.04 3.69 -32.52
C LYS A 340 -27.20 3.09 -31.73
N LEU A 341 -27.41 1.79 -31.93
CA LEU A 341 -28.49 1.09 -31.26
C LEU A 341 -28.14 0.96 -29.78
N CYS A 342 -26.89 0.60 -29.50
CA CYS A 342 -26.49 0.43 -28.11
C CYS A 342 -26.59 1.73 -27.32
N PHE A 343 -26.10 2.81 -27.91
CA PHE A 343 -26.13 4.09 -27.25
C PHE A 343 -27.54 4.60 -26.93
N LEU A 344 -28.45 4.52 -27.90
CA LEU A 344 -29.81 5.01 -27.68
C LEU A 344 -30.49 4.23 -26.56
N ALA A 345 -30.23 2.93 -26.52
CA ALA A 345 -30.81 2.08 -25.49
C ALA A 345 -30.32 2.51 -24.11
N LEU A 346 -29.02 2.80 -23.98
CA LEU A 346 -28.45 3.24 -22.71
C LEU A 346 -29.00 4.61 -22.38
N TYR A 347 -28.96 5.51 -23.37
CA TYR A 347 -29.43 6.88 -23.22
C TYR A 347 -30.83 6.90 -22.60
N ASN A 348 -31.78 6.25 -23.26
CA ASN A 348 -33.15 6.23 -22.76
C ASN A 348 -33.26 5.59 -21.38
N THR A 349 -32.64 4.43 -21.19
CA THR A 349 -32.69 3.76 -19.91
C THR A 349 -32.28 4.68 -18.78
N ILE A 350 -31.11 5.29 -18.91
CA ILE A 350 -30.62 6.21 -17.88
C ILE A 350 -31.51 7.44 -17.70
N ASN A 351 -31.98 8.02 -18.80
CA ASN A 351 -32.86 9.18 -18.67
C ASN A 351 -34.15 8.77 -17.97
N GLU A 352 -34.55 7.52 -18.15
CA GLU A 352 -35.75 6.97 -17.54
C GLU A 352 -35.57 7.08 -16.02
N ILE A 353 -34.44 6.54 -15.55
CA ILE A 353 -34.10 6.55 -14.14
C ILE A 353 -34.00 7.96 -13.62
N ALA A 354 -33.43 8.86 -14.43
CA ALA A 354 -33.33 10.24 -13.98
C ALA A 354 -34.74 10.80 -13.72
N TYR A 355 -35.66 10.52 -14.64
CA TYR A 355 -37.05 10.97 -14.53
C TYR A 355 -37.70 10.47 -13.24
N ASP A 356 -37.54 9.18 -12.97
CA ASP A 356 -38.10 8.56 -11.79
C ASP A 356 -37.65 9.33 -10.56
N ASN A 357 -36.37 9.68 -10.53
CA ASN A 357 -35.83 10.41 -9.40
C ASN A 357 -36.28 11.86 -9.38
N LEU A 358 -36.38 12.49 -10.55
CA LEU A 358 -36.83 13.86 -10.60
C LEU A 358 -38.27 13.90 -10.08
N LYS A 359 -39.03 12.88 -10.43
CA LYS A 359 -40.41 12.78 -10.01
C LYS A 359 -40.63 12.41 -8.55
N ASP A 360 -39.78 11.54 -8.02
CA ASP A 360 -39.92 11.12 -6.64
C ASP A 360 -39.14 11.96 -5.62
N LYS A 361 -37.89 12.28 -5.94
CA LYS A 361 -37.08 13.08 -5.04
C LYS A 361 -37.08 14.58 -5.39
N GLY A 362 -37.61 14.93 -6.56
CA GLY A 362 -37.64 16.31 -6.97
C GLY A 362 -36.25 16.85 -7.16
N GLU A 363 -35.37 16.01 -7.69
CA GLU A 363 -33.99 16.39 -7.93
C GLU A 363 -33.52 15.87 -9.28
N ASN A 364 -32.63 16.61 -9.94
CA ASN A 364 -32.09 16.16 -11.23
C ASN A 364 -30.74 15.54 -10.95
N ILE A 365 -30.67 14.22 -11.04
CA ILE A 365 -29.41 13.53 -10.78
C ILE A 365 -28.72 13.07 -12.07
N LEU A 366 -29.33 13.37 -13.21
CA LEU A 366 -28.78 12.98 -14.50
C LEU A 366 -27.27 13.15 -14.63
N PRO A 367 -26.74 14.32 -14.20
CA PRO A 367 -25.29 14.55 -14.29
C PRO A 367 -24.48 13.46 -13.57
N TYR A 368 -24.98 13.04 -12.41
CA TYR A 368 -24.30 12.02 -11.63
C TYR A 368 -24.34 10.67 -12.34
N LEU A 369 -25.48 10.31 -12.93
CA LEU A 369 -25.58 9.03 -13.64
C LEU A 369 -24.72 9.02 -14.90
N THR A 370 -24.77 10.11 -15.67
CA THR A 370 -23.98 10.16 -16.90
C THR A 370 -22.49 10.14 -16.64
N LYS A 371 -22.07 10.79 -15.55
CA LYS A 371 -20.65 10.85 -15.21
C LYS A 371 -20.18 9.45 -14.89
N ALA A 372 -20.97 8.72 -14.13
CA ALA A 372 -20.59 7.37 -13.77
C ALA A 372 -20.36 6.57 -15.06
N TRP A 373 -21.28 6.67 -16.01
CA TRP A 373 -21.13 5.95 -17.28
C TRP A 373 -19.98 6.46 -18.12
N ALA A 374 -19.74 7.76 -18.08
CA ALA A 374 -18.64 8.31 -18.86
C ALA A 374 -17.34 7.75 -18.30
N ASP A 375 -17.24 7.75 -16.96
CA ASP A 375 -16.05 7.22 -16.31
C ASP A 375 -15.78 5.76 -16.65
N LEU A 376 -16.83 4.94 -16.57
CA LEU A 376 -16.68 3.53 -16.88
C LEU A 376 -16.14 3.33 -18.29
N CYS A 377 -16.79 3.96 -19.25
CA CYS A 377 -16.35 3.83 -20.64
C CYS A 377 -14.89 4.21 -20.82
N ASN A 378 -14.46 5.26 -20.13
CA ASN A 378 -13.08 5.69 -20.20
C ASN A 378 -12.14 4.62 -19.62
N ALA A 379 -12.61 3.90 -18.61
CA ALA A 379 -11.81 2.85 -18.00
C ALA A 379 -11.71 1.72 -19.00
N PHE A 380 -12.81 1.48 -19.70
CA PHE A 380 -12.86 0.42 -20.70
C PHE A 380 -11.93 0.79 -21.85
N LEU A 381 -11.93 2.07 -22.20
CA LEU A 381 -11.11 2.57 -23.29
C LEU A 381 -9.64 2.43 -22.94
N GLN A 382 -9.31 2.68 -21.69
CA GLN A 382 -7.92 2.58 -21.24
C GLN A 382 -7.43 1.14 -21.41
N GLU A 383 -8.27 0.16 -21.07
CA GLU A 383 -7.86 -1.23 -21.22
C GLU A 383 -7.70 -1.59 -22.69
N ALA A 384 -8.61 -1.10 -23.53
CA ALA A 384 -8.54 -1.37 -24.95
C ALA A 384 -7.25 -0.81 -25.49
N LYS A 385 -6.85 0.37 -25.03
CA LYS A 385 -5.60 0.97 -25.49
C LYS A 385 -4.38 0.18 -25.00
N TRP A 386 -4.35 -0.18 -23.72
CA TRP A 386 -3.20 -0.94 -23.23
C TRP A 386 -3.07 -2.24 -24.00
N LEU A 387 -4.20 -2.86 -24.29
CA LEU A 387 -4.23 -4.12 -25.02
C LEU A 387 -3.71 -3.91 -26.44
N TYR A 388 -4.24 -2.91 -27.14
CA TYR A 388 -3.81 -2.65 -28.50
C TYR A 388 -2.33 -2.31 -28.59
N ASN A 389 -1.88 -1.42 -27.72
CA ASN A 389 -0.47 -1.00 -27.71
C ASN A 389 0.44 -1.97 -26.99
N LYS A 390 -0.13 -3.08 -26.55
CA LYS A 390 0.61 -4.10 -25.81
C LYS A 390 1.39 -3.49 -24.64
N SER A 391 0.79 -2.49 -23.99
CA SER A 391 1.42 -1.83 -22.87
C SER A 391 1.51 -2.76 -21.67
N THR A 392 2.39 -2.43 -20.73
CA THR A 392 2.57 -3.22 -19.53
C THR A 392 2.59 -2.34 -18.31
N PRO A 393 1.43 -1.74 -17.97
CA PRO A 393 1.34 -0.86 -16.81
C PRO A 393 1.66 -1.60 -15.50
N THR A 394 2.14 -0.85 -14.52
CA THR A 394 2.46 -1.44 -13.22
C THR A 394 1.17 -1.90 -12.59
N PHE A 395 1.27 -2.78 -11.60
CA PHE A 395 0.09 -3.27 -10.93
C PHE A 395 -0.77 -2.10 -10.48
N ASP A 396 -0.15 -1.15 -9.81
CA ASP A 396 -0.86 0.02 -9.31
C ASP A 396 -1.66 0.76 -10.37
N ASP A 397 -1.08 0.99 -11.54
CA ASP A 397 -1.82 1.70 -12.60
C ASP A 397 -2.92 0.82 -13.16
N TYR A 398 -2.58 -0.44 -13.40
CA TYR A 398 -3.54 -1.36 -13.95
C TYR A 398 -4.71 -1.56 -13.03
N PHE A 399 -4.43 -1.97 -11.80
CA PHE A 399 -5.48 -2.21 -10.83
C PHE A 399 -6.30 -0.95 -10.59
N GLY A 400 -5.62 0.19 -10.53
CA GLY A 400 -6.31 1.44 -10.30
C GLY A 400 -7.45 1.66 -11.28
N ASN A 401 -7.21 1.26 -12.52
CA ASN A 401 -8.19 1.39 -13.59
C ASN A 401 -9.17 0.23 -13.55
N ALA A 402 -8.66 -0.96 -13.21
CA ALA A 402 -9.46 -2.19 -13.17
C ALA A 402 -10.61 -2.19 -12.18
N TRP A 403 -10.42 -1.63 -10.99
CA TRP A 403 -11.53 -1.64 -10.05
C TRP A 403 -12.63 -0.69 -10.47
N LYS A 404 -12.33 0.20 -11.42
CA LYS A 404 -13.35 1.10 -11.92
C LYS A 404 -14.04 0.42 -13.09
N SER A 405 -13.26 -0.20 -13.99
CA SER A 405 -13.83 -0.85 -15.15
C SER A 405 -14.73 -2.00 -14.80
N SER A 406 -14.67 -2.45 -13.55
CA SER A 406 -15.51 -3.58 -13.10
C SER A 406 -16.98 -3.14 -13.06
N SER A 407 -17.19 -1.82 -13.02
CA SER A 407 -18.52 -1.21 -12.95
C SER A 407 -19.04 -1.21 -11.53
N GLY A 408 -18.24 -1.76 -10.62
CA GLY A 408 -18.63 -1.79 -9.22
C GLY A 408 -19.02 -0.43 -8.69
N PRO A 409 -18.18 0.61 -8.86
CA PRO A 409 -18.64 1.88 -8.33
C PRO A 409 -19.85 2.46 -9.05
N LEU A 410 -19.96 2.23 -10.35
CA LEU A 410 -21.09 2.75 -11.11
C LEU A 410 -22.37 2.07 -10.61
N GLN A 411 -22.25 0.78 -10.30
CA GLN A 411 -23.39 0.04 -9.79
C GLN A 411 -23.82 0.59 -8.42
N LEU A 412 -22.85 0.95 -7.60
CA LEU A 412 -23.16 1.47 -6.29
C LEU A 412 -23.77 2.87 -6.36
N ILE A 413 -23.25 3.70 -7.26
CA ILE A 413 -23.80 5.04 -7.43
C ILE A 413 -25.29 4.93 -7.81
N PHE A 414 -25.64 3.95 -8.65
CA PHE A 414 -27.05 3.79 -9.01
C PHE A 414 -27.82 3.22 -7.85
N ALA A 415 -27.19 2.31 -7.10
CA ALA A 415 -27.85 1.70 -5.95
C ALA A 415 -28.22 2.78 -4.95
N TYR A 416 -27.30 3.71 -4.73
CA TYR A 416 -27.54 4.79 -3.79
C TYR A 416 -28.91 5.48 -3.99
N PHE A 417 -29.14 5.96 -5.20
CA PHE A 417 -30.39 6.65 -5.52
C PHE A 417 -31.61 5.75 -5.40
N ALA A 418 -31.39 4.44 -5.39
CA ALA A 418 -32.52 3.53 -5.27
C ALA A 418 -32.68 3.02 -3.84
N VAL A 419 -31.73 3.34 -2.96
CA VAL A 419 -31.80 2.88 -1.58
C VAL A 419 -32.11 3.98 -0.57
N VAL A 420 -31.51 5.16 -0.75
CA VAL A 420 -31.72 6.27 0.18
C VAL A 420 -32.91 7.15 -0.27
N GLN A 421 -33.73 7.57 0.69
CA GLN A 421 -34.88 8.41 0.39
C GLN A 421 -34.48 9.88 0.23
N ASN A 422 -33.64 10.34 1.15
CA ASN A 422 -33.20 11.73 1.10
C ASN A 422 -31.75 11.79 0.73
N ILE A 423 -31.50 12.06 -0.55
CA ILE A 423 -30.15 12.16 -1.05
C ILE A 423 -29.52 13.44 -0.53
N LYS A 424 -28.21 13.40 -0.30
CA LYS A 424 -27.48 14.56 0.20
C LYS A 424 -26.39 14.92 -0.81
N LYS A 425 -26.37 16.20 -1.18
CA LYS A 425 -25.40 16.68 -2.16
C LYS A 425 -23.97 16.29 -1.76
N GLU A 426 -23.68 16.32 -0.47
CA GLU A 426 -22.35 15.95 -0.03
C GLU A 426 -22.06 14.47 -0.30
N GLU A 427 -23.02 13.61 0.05
CA GLU A 427 -22.85 12.18 -0.15
C GLU A 427 -22.65 11.85 -1.63
N ILE A 428 -23.52 12.36 -2.49
CA ILE A 428 -23.37 12.08 -3.91
C ILE A 428 -22.05 12.59 -4.43
N GLU A 429 -21.60 13.74 -3.93
CA GLU A 429 -20.33 14.28 -4.37
C GLU A 429 -19.18 13.36 -3.96
N ASN A 430 -19.32 12.73 -2.79
CA ASN A 430 -18.28 11.82 -2.34
C ASN A 430 -18.28 10.55 -3.18
N LEU A 431 -19.46 10.10 -3.60
CA LEU A 431 -19.55 8.93 -4.43
C LEU A 431 -18.91 9.27 -5.78
N GLN A 432 -19.19 10.48 -6.25
CA GLN A 432 -18.64 10.92 -7.52
C GLN A 432 -17.12 10.97 -7.48
N LYS A 433 -16.55 11.14 -6.29
CA LYS A 433 -15.11 11.19 -6.12
C LYS A 433 -14.60 9.80 -5.77
N TYR A 434 -15.46 8.81 -5.83
CA TYR A 434 -15.10 7.43 -5.51
C TYR A 434 -14.60 7.28 -4.09
N HIS A 435 -15.45 7.64 -3.14
CA HIS A 435 -15.19 7.56 -1.72
C HIS A 435 -14.94 6.12 -1.33
N ASP A 436 -14.14 5.90 -0.30
CA ASP A 436 -13.81 4.54 0.15
C ASP A 436 -14.99 3.60 0.26
N ILE A 437 -16.15 4.16 0.57
CA ILE A 437 -17.35 3.38 0.77
C ILE A 437 -17.72 2.52 -0.45
N ILE A 438 -17.49 3.04 -1.64
CA ILE A 438 -17.82 2.27 -2.84
C ILE A 438 -16.55 1.83 -3.57
N SER A 439 -15.39 2.39 -3.20
CA SER A 439 -14.16 1.96 -3.86
C SER A 439 -13.63 0.67 -3.24
N ARG A 440 -13.63 0.57 -1.91
CA ARG A 440 -13.15 -0.65 -1.24
C ARG A 440 -13.90 -1.89 -1.75
N PRO A 441 -15.24 -1.86 -1.76
CA PRO A 441 -15.97 -3.04 -2.26
C PRO A 441 -15.66 -3.33 -3.71
N SER A 442 -15.39 -2.29 -4.48
CA SER A 442 -15.05 -2.49 -5.88
C SER A 442 -13.69 -3.14 -6.02
N HIS A 443 -12.79 -2.83 -5.09
CA HIS A 443 -11.46 -3.41 -5.12
C HIS A 443 -11.63 -4.91 -5.02
N ILE A 444 -12.47 -5.33 -4.08
CA ILE A 444 -12.72 -6.75 -3.89
C ILE A 444 -13.41 -7.35 -5.12
N PHE A 445 -14.42 -6.65 -5.64
CA PHE A 445 -15.13 -7.08 -6.83
C PHE A 445 -14.09 -7.45 -7.89
N ARG A 446 -13.31 -6.47 -8.32
CA ARG A 446 -12.27 -6.69 -9.32
C ARG A 446 -11.32 -7.84 -8.97
N LEU A 447 -10.84 -7.86 -7.73
CA LEU A 447 -9.92 -8.92 -7.31
C LEU A 447 -10.51 -10.33 -7.33
N CYS A 448 -11.78 -10.50 -6.95
CA CYS A 448 -12.38 -11.84 -6.94
C CYS A 448 -12.60 -12.35 -8.36
N ASN A 449 -12.90 -11.42 -9.26
CA ASN A 449 -13.13 -11.74 -10.66
C ASN A 449 -11.81 -12.20 -11.26
N ASP A 450 -10.78 -11.37 -11.15
CA ASP A 450 -9.49 -11.72 -11.71
C ASP A 450 -8.90 -13.00 -11.11
N LEU A 451 -9.01 -13.16 -9.80
CA LEU A 451 -8.49 -14.37 -9.17
C LEU A 451 -9.08 -15.63 -9.79
N ALA A 452 -10.38 -15.65 -9.99
CA ALA A 452 -11.05 -16.81 -10.57
C ALA A 452 -10.55 -17.15 -11.97
N SER A 453 -10.18 -16.15 -12.75
CA SER A 453 -9.71 -16.44 -14.09
C SER A 453 -8.19 -16.37 -14.22
N ALA A 454 -7.50 -16.09 -13.13
CA ALA A 454 -6.05 -15.97 -13.17
C ALA A 454 -5.32 -17.13 -13.85
N SER A 455 -5.35 -18.32 -13.25
CA SER A 455 -4.67 -19.47 -13.82
C SER A 455 -4.92 -19.61 -15.32
N ALA A 456 -6.18 -19.48 -15.70
CA ALA A 456 -6.56 -19.59 -17.11
C ALA A 456 -5.82 -18.60 -18.00
N GLU A 457 -6.00 -17.30 -17.74
CA GLU A 457 -5.36 -16.26 -18.55
C GLU A 457 -3.84 -16.29 -18.48
N ILE A 458 -3.28 -16.78 -17.38
CA ILE A 458 -1.84 -16.84 -17.23
C ILE A 458 -1.22 -17.88 -18.17
N ALA A 459 -1.75 -19.11 -18.13
CA ALA A 459 -1.25 -20.18 -18.98
C ALA A 459 -1.62 -19.98 -20.45
N ARG A 460 -2.24 -18.84 -20.74
CA ARG A 460 -2.66 -18.55 -22.10
C ARG A 460 -1.86 -17.37 -22.66
N GLY A 461 -1.03 -16.76 -21.81
CA GLY A 461 -0.22 -15.64 -22.25
C GLY A 461 -0.81 -14.26 -22.01
N GLU A 462 -2.02 -14.23 -21.45
CA GLU A 462 -2.69 -12.98 -21.17
C GLU A 462 -2.01 -12.29 -19.98
N THR A 463 -1.90 -10.97 -20.06
CA THR A 463 -1.28 -10.20 -18.99
C THR A 463 -2.28 -9.20 -18.41
N ALA A 464 -3.47 -9.13 -19.01
CA ALA A 464 -4.51 -8.21 -18.54
C ALA A 464 -5.32 -8.86 -17.43
N ASN A 465 -4.71 -8.93 -16.26
CA ASN A 465 -5.33 -9.57 -15.11
C ASN A 465 -4.55 -9.11 -13.88
N SER A 466 -5.28 -8.74 -12.83
CA SER A 466 -4.67 -8.28 -11.62
C SER A 466 -3.61 -9.21 -11.05
N VAL A 467 -3.90 -10.50 -11.02
CA VAL A 467 -2.93 -11.46 -10.49
C VAL A 467 -1.71 -11.52 -11.41
N SER A 468 -1.97 -11.62 -12.71
CA SER A 468 -0.88 -11.69 -13.67
C SER A 468 -0.03 -10.44 -13.54
N CYS A 469 -0.70 -9.28 -13.56
CA CYS A 469 0.00 -8.01 -13.46
C CYS A 469 0.84 -7.96 -12.17
N TYR A 470 0.26 -8.43 -11.07
CA TYR A 470 0.95 -8.45 -9.79
C TYR A 470 2.23 -9.28 -9.92
N MET A 471 2.15 -10.41 -10.63
CA MET A 471 3.27 -11.32 -10.86
C MET A 471 4.43 -10.62 -11.53
N ARG A 472 4.11 -9.90 -12.60
CA ARG A 472 5.11 -9.18 -13.36
C ARG A 472 5.67 -8.01 -12.55
N THR A 473 4.78 -7.25 -11.91
CA THR A 473 5.22 -6.09 -11.14
C THR A 473 6.16 -6.43 -9.99
N LYS A 474 5.93 -7.57 -9.34
CA LYS A 474 6.76 -7.98 -8.20
C LYS A 474 7.77 -9.06 -8.56
N GLY A 475 7.63 -9.64 -9.74
CA GLY A 475 8.54 -10.68 -10.19
C GLY A 475 8.46 -11.93 -9.31
N ILE A 476 7.25 -12.43 -9.08
CA ILE A 476 7.05 -13.59 -8.24
C ILE A 476 6.16 -14.63 -8.91
N SER A 477 6.10 -15.83 -8.34
CA SER A 477 5.29 -16.90 -8.90
C SER A 477 3.81 -16.63 -8.74
N GLU A 478 3.00 -17.36 -9.52
CA GLU A 478 1.56 -17.20 -9.47
C GLU A 478 1.09 -17.51 -8.04
N GLU A 479 1.65 -18.56 -7.45
CA GLU A 479 1.30 -18.96 -6.09
C GLU A 479 1.60 -17.80 -5.14
N LEU A 480 2.78 -17.23 -5.29
CA LEU A 480 3.19 -16.12 -4.43
C LEU A 480 2.25 -14.94 -4.63
N ALA A 481 2.00 -14.58 -5.89
CA ALA A 481 1.12 -13.45 -6.20
C ALA A 481 -0.32 -13.71 -5.76
N THR A 482 -0.77 -14.95 -5.94
CA THR A 482 -2.12 -15.30 -5.56
C THR A 482 -2.36 -15.04 -4.08
N GLU A 483 -1.38 -15.38 -3.24
CA GLU A 483 -1.49 -15.15 -1.81
C GLU A 483 -1.51 -13.65 -1.52
N SER A 484 -0.64 -12.90 -2.18
CA SER A 484 -0.58 -11.46 -1.99
C SER A 484 -1.93 -10.82 -2.28
N VAL A 485 -2.61 -11.29 -3.32
CA VAL A 485 -3.91 -10.76 -3.69
C VAL A 485 -4.92 -11.12 -2.61
N MET A 486 -4.79 -12.32 -2.07
CA MET A 486 -5.67 -12.80 -1.00
C MET A 486 -5.55 -11.89 0.21
N ASN A 487 -4.31 -11.60 0.59
CA ASN A 487 -4.06 -10.75 1.75
C ASN A 487 -4.54 -9.33 1.47
N LEU A 488 -4.47 -8.93 0.21
CA LEU A 488 -4.90 -7.61 -0.18
C LEU A 488 -6.40 -7.50 0.11
N ILE A 489 -7.14 -8.53 -0.24
CA ILE A 489 -8.58 -8.59 0.01
C ILE A 489 -8.85 -8.47 1.50
N ASP A 490 -8.14 -9.27 2.31
CA ASP A 490 -8.32 -9.23 3.77
C ASP A 490 -8.16 -7.84 4.35
N GLU A 491 -7.15 -7.12 3.88
CA GLU A 491 -6.92 -5.78 4.38
C GLU A 491 -8.09 -4.90 4.00
N THR A 492 -8.52 -5.00 2.75
CA THR A 492 -9.65 -4.20 2.29
C THR A 492 -10.87 -4.44 3.18
N TRP A 493 -11.10 -5.70 3.55
CA TRP A 493 -12.23 -6.00 4.41
C TRP A 493 -12.14 -5.29 5.74
N LYS A 494 -10.95 -5.21 6.33
CA LYS A 494 -10.81 -4.53 7.61
C LYS A 494 -11.16 -3.05 7.50
N LYS A 495 -10.67 -2.39 6.45
CA LYS A 495 -10.96 -0.97 6.28
C LYS A 495 -12.46 -0.78 6.04
N MET A 496 -13.03 -1.74 5.31
CA MET A 496 -14.45 -1.73 5.00
C MET A 496 -15.24 -1.94 6.30
N ASN A 497 -14.70 -2.74 7.23
CA ASN A 497 -15.37 -2.97 8.51
C ASN A 497 -15.39 -1.73 9.42
N LYS A 498 -14.36 -0.89 9.32
CA LYS A 498 -14.29 0.31 10.14
C LYS A 498 -15.31 1.34 9.67
N GLU A 499 -15.47 1.41 8.34
CA GLU A 499 -16.43 2.33 7.74
C GLU A 499 -17.82 2.10 8.33
N LYS A 500 -18.22 0.84 8.40
CA LYS A 500 -19.53 0.42 8.93
C LYS A 500 -19.62 0.58 10.43
N LEU A 501 -18.48 0.46 11.11
CA LEU A 501 -18.47 0.58 12.56
C LEU A 501 -18.68 1.98 13.09
N GLY A 502 -18.51 2.98 12.24
CA GLY A 502 -18.72 4.33 12.70
C GLY A 502 -17.80 5.34 12.07
N GLY A 503 -18.18 6.61 12.18
CA GLY A 503 -17.38 7.68 11.63
C GLY A 503 -17.61 7.84 10.13
N SER A 504 -18.71 7.28 9.64
CA SER A 504 -19.02 7.38 8.22
C SER A 504 -19.93 8.56 7.92
N LEU A 505 -19.78 9.10 6.72
CA LEU A 505 -20.59 10.22 6.27
C LEU A 505 -21.93 9.67 5.81
N PHE A 506 -21.88 8.48 5.23
CA PHE A 506 -23.07 7.82 4.72
C PHE A 506 -23.81 7.09 5.83
N ALA A 507 -25.09 6.85 5.61
CA ALA A 507 -25.92 6.14 6.57
C ALA A 507 -25.50 4.68 6.53
N LYS A 508 -25.49 4.04 7.70
CA LYS A 508 -25.12 2.63 7.79
C LYS A 508 -25.84 1.73 6.77
N PRO A 509 -27.13 1.98 6.52
CA PRO A 509 -27.90 1.18 5.56
C PRO A 509 -27.23 1.09 4.18
N PHE A 510 -26.69 2.21 3.71
CA PHE A 510 -26.02 2.22 2.42
C PHE A 510 -24.63 1.60 2.52
N VAL A 511 -24.00 1.71 3.69
CA VAL A 511 -22.67 1.13 3.87
C VAL A 511 -22.77 -0.39 3.74
N GLU A 512 -23.87 -0.94 4.24
CA GLU A 512 -24.11 -2.38 4.17
C GLU A 512 -24.34 -2.79 2.71
N THR A 513 -25.10 -1.96 1.98
CA THR A 513 -25.38 -2.23 0.58
C THR A 513 -24.04 -2.38 -0.15
N ALA A 514 -23.19 -1.37 -0.02
CA ALA A 514 -21.88 -1.37 -0.66
C ALA A 514 -21.10 -2.65 -0.35
N ILE A 515 -21.01 -2.98 0.93
CA ILE A 515 -20.30 -4.18 1.37
C ILE A 515 -20.88 -5.42 0.70
N ASN A 516 -22.20 -5.43 0.51
CA ASN A 516 -22.84 -6.57 -0.12
C ASN A 516 -22.29 -6.83 -1.52
N LEU A 517 -21.89 -5.78 -2.21
CA LEU A 517 -21.34 -5.93 -3.54
C LEU A 517 -20.12 -6.84 -3.41
N ALA A 518 -19.34 -6.58 -2.37
CA ALA A 518 -18.14 -7.34 -2.08
C ALA A 518 -18.52 -8.77 -1.80
N ARG A 519 -19.51 -8.95 -0.93
CA ARG A 519 -19.98 -10.28 -0.58
C ARG A 519 -20.41 -11.03 -1.83
N GLN A 520 -21.26 -10.39 -2.62
CA GLN A 520 -21.73 -11.00 -3.85
C GLN A 520 -20.53 -11.41 -4.71
N SER A 521 -19.52 -10.54 -4.75
CA SER A 521 -18.30 -10.81 -5.50
C SER A 521 -17.67 -12.14 -5.08
N HIS A 522 -17.59 -12.36 -3.77
CA HIS A 522 -17.01 -13.57 -3.22
C HIS A 522 -17.79 -14.82 -3.58
N CYS A 523 -19.10 -14.65 -3.76
CA CYS A 523 -19.95 -15.78 -4.07
C CYS A 523 -20.08 -16.10 -5.55
N THR A 524 -20.14 -15.08 -6.39
CA THR A 524 -20.26 -15.33 -7.81
C THR A 524 -18.93 -15.77 -8.43
N TYR A 525 -17.83 -15.56 -7.72
CA TYR A 525 -16.51 -15.96 -8.23
C TYR A 525 -15.86 -17.01 -7.34
N HIS A 526 -16.02 -18.27 -7.72
CA HIS A 526 -15.48 -19.38 -6.96
C HIS A 526 -14.60 -20.28 -7.84
N ASN A 527 -13.95 -21.25 -7.21
CA ASN A 527 -13.07 -22.19 -7.91
C ASN A 527 -13.91 -23.33 -8.48
N GLY A 528 -14.88 -23.82 -7.69
CA GLY A 528 -15.72 -24.90 -8.14
C GLY A 528 -16.49 -25.54 -7.01
N THR A 532 -18.21 -30.14 -6.44
CA THR A 532 -19.07 -29.57 -7.47
C THR A 532 -18.25 -28.80 -8.50
N SER A 533 -18.80 -28.65 -9.69
CA SER A 533 -18.14 -27.94 -10.78
C SER A 533 -18.42 -26.43 -10.78
N PRO A 534 -17.52 -25.62 -11.35
CA PRO A 534 -17.69 -24.16 -11.40
C PRO A 534 -19.02 -23.77 -12.03
N ASP A 535 -19.18 -24.09 -13.32
CA ASP A 535 -20.41 -23.78 -14.03
C ASP A 535 -21.60 -24.48 -13.37
N GLU A 536 -21.32 -25.60 -12.71
CA GLU A 536 -22.36 -26.36 -12.03
C GLU A 536 -22.84 -25.63 -10.79
N LEU A 537 -21.92 -25.01 -10.07
CA LEU A 537 -22.24 -24.30 -8.84
C LEU A 537 -23.00 -23.01 -9.15
N THR A 538 -22.60 -22.30 -10.21
CA THR A 538 -23.28 -21.07 -10.55
C THR A 538 -24.71 -21.34 -10.97
N ARG A 539 -24.99 -22.53 -11.49
CA ARG A 539 -26.35 -22.89 -11.91
C ARG A 539 -27.20 -23.21 -10.68
N LYS A 540 -26.69 -24.06 -9.81
CA LYS A 540 -27.39 -24.47 -8.61
C LYS A 540 -27.75 -23.27 -7.73
N ARG A 541 -26.79 -22.39 -7.51
CA ARG A 541 -27.06 -21.22 -6.68
C ARG A 541 -28.16 -20.34 -7.26
N VAL A 542 -28.08 -20.00 -8.55
CA VAL A 542 -29.09 -19.16 -9.18
C VAL A 542 -30.49 -19.79 -9.10
N LEU A 543 -30.52 -21.12 -9.15
CA LEU A 543 -31.80 -21.83 -9.07
C LEU A 543 -32.35 -21.81 -7.65
N SER A 544 -31.45 -21.95 -6.67
CA SER A 544 -31.84 -21.98 -5.25
C SER A 544 -32.15 -20.61 -4.71
N VAL A 545 -31.81 -19.58 -5.47
CA VAL A 545 -32.05 -18.24 -5.02
C VAL A 545 -33.15 -17.53 -5.80
N ILE A 546 -33.38 -17.97 -7.04
CA ILE A 546 -34.38 -17.35 -7.89
C ILE A 546 -35.54 -18.21 -8.37
N THR A 547 -35.24 -19.43 -8.80
CA THR A 547 -36.23 -20.31 -9.35
C THR A 547 -36.91 -21.28 -8.39
N GLU A 548 -36.19 -22.33 -8.02
CA GLU A 548 -36.71 -23.36 -7.12
C GLU A 548 -36.96 -22.92 -5.69
N PRO A 549 -38.21 -23.01 -5.21
CA PRO A 549 -38.56 -22.63 -3.85
C PRO A 549 -38.05 -23.72 -2.90
N ILE A 550 -37.99 -23.40 -1.61
CA ILE A 550 -37.55 -24.36 -0.62
C ILE A 550 -38.71 -25.30 -0.27
N LEU A 551 -38.43 -26.60 -0.23
CA LEU A 551 -39.47 -27.58 0.08
C LEU A 551 -40.23 -27.17 1.33
N PRO A 552 -41.57 -27.21 1.26
CA PRO A 552 -42.45 -26.85 2.38
C PRO A 552 -42.09 -27.52 3.70
N PHE A 553 -42.48 -26.87 4.80
CA PHE A 553 -42.20 -27.38 6.13
C PHE A 553 -42.91 -28.71 6.37
N GLU A 554 -42.21 -29.65 7.00
CA GLU A 554 -42.78 -30.94 7.32
C GLU A 554 -42.80 -31.12 8.83
N ARG A 555 -43.98 -31.41 9.37
CA ARG A 555 -44.13 -31.58 10.82
C ARG A 555 -43.71 -32.99 11.23
N SER B 17 -2.35 31.49 2.17
CA SER B 17 -1.51 32.17 3.20
C SER B 17 -0.07 32.35 2.70
N ALA B 18 0.47 33.56 2.84
CA ALA B 18 1.82 33.86 2.40
C ALA B 18 2.84 33.47 3.49
N ASP B 19 4.03 33.06 3.06
CA ASP B 19 5.09 32.66 3.99
C ASP B 19 6.20 33.71 4.06
N TYR B 20 6.08 34.62 5.01
CA TYR B 20 7.07 35.67 5.19
C TYR B 20 8.09 35.24 6.25
N GLU B 21 8.02 33.98 6.64
CA GLU B 21 8.95 33.46 7.65
C GLU B 21 10.28 33.06 7.02
N PRO B 22 11.39 33.56 7.61
CA PRO B 22 12.73 33.24 7.10
C PRO B 22 13.09 31.77 7.27
N ASN B 23 14.01 31.31 6.44
CA ASN B 23 14.44 29.92 6.50
C ASN B 23 15.78 29.87 7.23
N SER B 24 16.06 28.72 7.84
CA SER B 24 17.30 28.55 8.57
C SER B 24 18.52 28.63 7.65
N TRP B 25 18.31 28.53 6.35
CA TRP B 25 19.45 28.59 5.43
C TRP B 25 19.57 29.91 4.68
N ASP B 26 18.70 30.88 4.98
CA ASP B 26 18.76 32.18 4.33
C ASP B 26 20.14 32.78 4.55
N TYR B 27 20.67 33.44 3.53
CA TYR B 27 21.99 34.06 3.64
C TYR B 27 22.05 35.14 4.72
N ASP B 28 20.91 35.78 4.97
CA ASP B 28 20.80 36.81 5.98
C ASP B 28 21.14 36.22 7.35
N PHE B 29 20.70 34.97 7.58
CA PHE B 29 20.96 34.30 8.84
C PHE B 29 22.30 33.58 8.82
N LEU B 30 22.49 32.71 7.82
CA LEU B 30 23.74 31.95 7.72
C LEU B 30 25.00 32.81 7.58
N LEU B 31 24.97 33.81 6.73
CA LEU B 31 26.14 34.68 6.56
C LEU B 31 26.07 35.92 7.43
N SER B 32 26.27 35.72 8.72
CA SER B 32 26.23 36.83 9.67
C SER B 32 27.16 36.51 10.84
N SER B 38 33.02 42.25 7.91
CA SER B 38 33.91 41.44 7.07
C SER B 38 33.13 40.49 6.16
N ILE B 39 32.67 39.38 6.73
CA ILE B 39 31.90 38.38 6.00
C ILE B 39 30.50 38.88 5.64
N GLU B 40 30.35 40.19 5.60
CA GLU B 40 29.07 40.80 5.26
C GLU B 40 28.95 41.06 3.77
N VAL B 41 30.09 41.33 3.13
CA VAL B 41 30.11 41.57 1.70
C VAL B 41 29.75 40.26 1.01
N TYR B 42 30.06 39.15 1.68
CA TYR B 42 29.75 37.83 1.15
C TYR B 42 28.24 37.68 1.15
N LYS B 43 27.63 38.01 2.28
CA LYS B 43 26.19 37.93 2.45
C LYS B 43 25.46 38.70 1.35
N ASP B 44 26.01 39.84 0.93
CA ASP B 44 25.36 40.64 -0.11
C ASP B 44 25.54 40.09 -1.52
N LYS B 45 26.74 39.59 -1.81
CA LYS B 45 27.03 39.02 -3.11
C LYS B 45 26.23 37.73 -3.25
N ALA B 46 26.09 37.02 -2.16
CA ALA B 46 25.35 35.75 -2.18
C ALA B 46 23.89 35.99 -2.50
N LYS B 47 23.28 36.96 -1.81
CA LYS B 47 21.88 37.28 -2.02
C LYS B 47 21.59 37.79 -3.43
N LYS B 48 22.50 38.59 -3.97
CA LYS B 48 22.32 39.14 -5.32
C LYS B 48 22.33 38.00 -6.33
N LEU B 49 23.32 37.11 -6.22
CA LEU B 49 23.43 35.98 -7.13
C LEU B 49 22.21 35.07 -7.02
N GLU B 50 21.78 34.84 -5.79
CA GLU B 50 20.63 33.99 -5.52
C GLU B 50 19.35 34.53 -6.17
N ALA B 51 19.15 35.84 -6.08
CA ALA B 51 17.95 36.45 -6.66
C ALA B 51 17.94 36.25 -8.16
N GLU B 52 19.08 36.46 -8.79
CA GLU B 52 19.19 36.30 -10.23
C GLU B 52 18.85 34.88 -10.68
N VAL B 53 19.24 33.88 -9.89
CA VAL B 53 18.92 32.51 -10.25
C VAL B 53 17.43 32.26 -10.04
N ARG B 54 16.87 32.92 -9.03
CA ARG B 54 15.45 32.77 -8.75
C ARG B 54 14.69 33.34 -9.94
N ARG B 55 15.11 34.52 -10.40
CA ARG B 55 14.46 35.15 -11.51
C ARG B 55 14.49 34.26 -12.74
N GLU B 56 15.61 33.59 -12.96
CA GLU B 56 15.74 32.74 -14.14
C GLU B 56 14.95 31.44 -14.13
N ILE B 57 14.70 30.90 -12.94
CA ILE B 57 13.94 29.68 -12.78
C ILE B 57 12.46 30.00 -12.92
N ASN B 58 12.08 31.23 -12.56
CA ASN B 58 10.69 31.67 -12.63
C ASN B 58 10.35 32.28 -13.99
N ASN B 59 11.37 32.64 -14.76
CA ASN B 59 11.19 33.24 -16.06
C ASN B 59 10.19 32.45 -16.91
N GLU B 60 8.98 32.99 -17.06
CA GLU B 60 7.96 32.32 -17.85
C GLU B 60 8.32 32.25 -19.34
N LYS B 61 8.75 33.37 -19.92
CA LYS B 61 9.11 33.39 -21.32
C LYS B 61 10.47 32.75 -21.59
N ALA B 62 10.67 31.54 -21.11
CA ALA B 62 11.94 30.86 -21.31
C ALA B 62 11.78 29.48 -21.93
N GLU B 63 12.63 29.15 -22.89
CA GLU B 63 12.56 27.84 -23.54
C GLU B 63 12.56 26.75 -22.50
N PHE B 64 11.52 25.93 -22.50
CA PHE B 64 11.38 24.83 -21.55
C PHE B 64 12.60 23.93 -21.44
N LEU B 65 13.13 23.48 -22.58
CA LEU B 65 14.30 22.63 -22.52
C LEU B 65 15.40 23.39 -21.80
N THR B 66 15.63 24.63 -22.24
CA THR B 66 16.64 25.49 -21.65
C THR B 66 16.41 25.62 -20.16
N LEU B 67 15.14 25.71 -19.79
CA LEU B 67 14.73 25.84 -18.40
C LEU B 67 14.94 24.54 -17.63
N LEU B 68 14.64 23.41 -18.26
CA LEU B 68 14.81 22.12 -17.60
C LEU B 68 16.30 21.88 -17.35
N GLU B 69 17.16 22.34 -18.26
CA GLU B 69 18.59 22.16 -18.12
C GLU B 69 19.13 23.08 -17.03
N LEU B 70 18.54 24.26 -16.90
CA LEU B 70 18.97 25.20 -15.85
C LEU B 70 18.68 24.54 -14.51
N ILE B 71 17.42 24.12 -14.32
CA ILE B 71 17.05 23.46 -13.07
C ILE B 71 18.02 22.30 -12.83
N ASP B 72 18.22 21.48 -13.85
CA ASP B 72 19.14 20.35 -13.73
C ASP B 72 20.52 20.80 -13.20
N ASN B 73 21.10 21.84 -13.78
CA ASN B 73 22.40 22.33 -13.32
C ASN B 73 22.36 22.84 -11.88
N VAL B 74 21.29 23.56 -11.54
CA VAL B 74 21.16 24.10 -10.19
C VAL B 74 21.25 22.95 -9.19
N GLN B 75 20.55 21.86 -9.46
CA GLN B 75 20.54 20.70 -8.57
C GLN B 75 21.89 19.99 -8.48
N ARG B 76 22.50 19.66 -9.61
CA ARG B 76 23.79 18.97 -9.57
C ARG B 76 24.86 19.81 -8.85
N LEU B 77 24.79 21.12 -9.06
CA LEU B 77 25.74 22.03 -8.44
C LEU B 77 25.51 22.07 -6.94
N GLY B 78 24.43 21.44 -6.50
CA GLY B 78 24.12 21.34 -5.09
C GLY B 78 23.31 22.47 -4.49
N LEU B 79 22.61 23.23 -5.32
CA LEU B 79 21.81 24.36 -4.85
C LEU B 79 20.31 24.06 -4.85
N GLY B 80 19.93 22.84 -5.23
CA GLY B 80 18.52 22.48 -5.27
C GLY B 80 17.71 22.78 -4.01
N TYR B 81 18.25 22.44 -2.84
CA TYR B 81 17.55 22.66 -1.57
C TYR B 81 17.19 24.13 -1.37
N ARG B 82 17.88 25.00 -2.07
CA ARG B 82 17.66 26.43 -1.93
C ARG B 82 16.56 27.00 -2.83
N PHE B 83 16.25 26.32 -3.93
CA PHE B 83 15.25 26.79 -4.87
C PHE B 83 14.16 25.76 -5.05
N GLU B 84 13.91 25.00 -3.99
CA GLU B 84 12.90 23.96 -3.98
C GLU B 84 11.53 24.39 -4.51
N SER B 85 10.93 25.38 -3.86
CA SER B 85 9.62 25.84 -4.28
C SER B 85 9.61 26.40 -5.69
N ASP B 86 10.68 27.11 -6.07
CA ASP B 86 10.77 27.69 -7.41
C ASP B 86 10.77 26.59 -8.47
N ILE B 87 11.55 25.53 -8.23
CA ILE B 87 11.62 24.43 -9.17
C ILE B 87 10.27 23.75 -9.37
N ARG B 88 9.55 23.42 -8.29
CA ARG B 88 8.25 22.77 -8.43
C ARG B 88 7.33 23.62 -9.31
N ARG B 89 7.33 24.92 -9.04
CA ARG B 89 6.52 25.90 -9.77
C ARG B 89 6.80 25.80 -11.27
N ALA B 90 8.07 25.92 -11.66
CA ALA B 90 8.44 25.82 -13.07
C ALA B 90 7.96 24.49 -13.66
N LEU B 91 8.29 23.40 -12.98
CA LEU B 91 7.88 22.09 -13.44
C LEU B 91 6.37 21.96 -13.50
N ASP B 92 5.70 22.71 -12.63
CA ASP B 92 4.25 22.65 -12.59
C ASP B 92 3.65 23.30 -13.81
N ARG B 93 4.15 24.48 -14.19
CA ARG B 93 3.60 25.14 -15.35
C ARG B 93 4.09 24.51 -16.64
N PHE B 94 5.05 23.61 -16.52
CA PHE B 94 5.55 22.91 -17.69
C PHE B 94 4.58 21.77 -17.98
N VAL B 95 3.84 21.35 -16.96
CA VAL B 95 2.89 20.27 -17.16
C VAL B 95 1.54 20.80 -17.60
N SER B 96 1.14 21.92 -17.00
CA SER B 96 -0.14 22.53 -17.32
C SER B 96 -0.18 23.08 -18.75
N SER B 97 0.99 23.34 -19.33
CA SER B 97 1.04 23.85 -20.69
C SER B 97 1.15 22.69 -21.66
N GLY B 98 1.18 21.47 -21.12
CA GLY B 98 1.28 20.28 -21.95
C GLY B 98 2.60 20.19 -22.71
N GLY B 99 3.56 21.02 -22.32
CA GLY B 99 4.86 21.04 -22.97
C GLY B 99 5.60 19.72 -22.84
N PHE B 100 5.26 18.96 -21.80
CA PHE B 100 5.87 17.67 -21.52
C PHE B 100 5.33 16.61 -22.48
N ASP B 101 4.02 16.65 -22.73
CA ASP B 101 3.40 15.68 -23.63
C ASP B 101 3.94 15.83 -25.04
N GLY B 102 4.17 17.08 -25.45
CA GLY B 102 4.69 17.34 -26.79
C GLY B 102 6.14 16.97 -26.92
N VAL B 103 6.87 17.15 -25.83
CA VAL B 103 8.30 16.86 -25.78
C VAL B 103 8.55 15.35 -25.96
N THR B 104 7.68 14.52 -25.39
CA THR B 104 7.82 13.06 -25.49
C THR B 104 7.64 12.56 -26.91
N LYS B 105 7.59 13.48 -27.85
CA LYS B 105 7.39 13.11 -29.25
C LYS B 105 8.39 13.82 -30.14
N THR B 106 9.44 14.37 -29.55
CA THR B 106 10.42 15.09 -30.34
C THR B 106 11.83 15.02 -29.81
N SER B 107 11.96 14.67 -28.53
CA SER B 107 13.28 14.64 -27.93
C SER B 107 13.39 13.63 -26.79
N LEU B 108 14.26 12.64 -26.98
CA LEU B 108 14.50 11.63 -25.98
C LEU B 108 15.10 12.32 -24.75
N HIS B 109 16.05 13.21 -25.00
CA HIS B 109 16.75 13.96 -23.96
C HIS B 109 15.78 14.76 -23.12
N ALA B 110 14.95 15.54 -23.79
CA ALA B 110 13.98 16.37 -23.09
C ALA B 110 12.98 15.50 -22.33
N THR B 111 12.59 14.39 -22.95
CA THR B 111 11.63 13.47 -22.33
C THR B 111 12.20 12.83 -21.07
N ALA B 112 13.46 12.38 -21.14
CA ALA B 112 14.12 11.74 -20.00
C ALA B 112 14.46 12.69 -18.87
N LEU B 113 14.97 13.87 -19.23
CA LEU B 113 15.34 14.87 -18.21
C LEU B 113 14.11 15.35 -17.47
N SER B 114 13.09 15.72 -18.22
CA SER B 114 11.86 16.19 -17.63
C SER B 114 11.24 15.06 -16.81
N PHE B 115 11.29 13.84 -17.35
CA PHE B 115 10.73 12.68 -16.64
C PHE B 115 11.33 12.59 -15.25
N ARG B 116 12.65 12.57 -15.19
CA ARG B 116 13.35 12.47 -13.91
C ARG B 116 13.07 13.64 -12.99
N LEU B 117 13.10 14.86 -13.52
CA LEU B 117 12.83 16.05 -12.71
C LEU B 117 11.43 16.03 -12.14
N LEU B 118 10.45 15.67 -12.97
CA LEU B 118 9.09 15.63 -12.47
C LEU B 118 8.93 14.59 -11.37
N ARG B 119 9.31 13.34 -11.64
CA ARG B 119 9.15 12.31 -10.62
C ARG B 119 9.88 12.65 -9.32
N GLN B 120 11.11 13.16 -9.46
CA GLN B 120 11.86 13.53 -8.28
C GLN B 120 11.07 14.53 -7.43
N HIS B 121 10.32 15.43 -8.07
CA HIS B 121 9.56 16.41 -7.33
C HIS B 121 8.11 16.08 -7.05
N GLY B 122 7.80 14.79 -7.00
CA GLY B 122 6.45 14.34 -6.70
C GLY B 122 5.43 14.33 -7.80
N PHE B 123 5.73 14.90 -8.96
CA PHE B 123 4.76 14.90 -10.06
C PHE B 123 4.56 13.48 -10.54
N GLU B 124 3.43 13.25 -11.17
CA GLU B 124 3.08 11.92 -11.67
C GLU B 124 3.37 11.75 -13.16
N VAL B 125 4.30 10.86 -13.46
CA VAL B 125 4.68 10.56 -14.84
C VAL B 125 4.63 9.06 -15.08
N SER B 126 4.33 8.66 -16.31
CA SER B 126 4.23 7.26 -16.67
C SER B 126 5.39 6.80 -17.55
N GLN B 127 5.72 5.51 -17.46
CA GLN B 127 6.82 4.96 -18.27
C GLN B 127 6.41 4.99 -19.73
N GLU B 128 5.12 5.22 -19.96
CA GLU B 128 4.60 5.28 -21.31
C GLU B 128 5.11 6.51 -22.04
N ALA B 129 5.84 7.37 -21.33
CA ALA B 129 6.38 8.57 -21.94
C ALA B 129 7.57 8.24 -22.84
N PHE B 130 8.07 7.00 -22.73
CA PHE B 130 9.22 6.54 -23.53
C PHE B 130 8.81 5.54 -24.61
N SER B 131 7.57 5.07 -24.55
CA SER B 131 7.09 4.09 -25.52
C SER B 131 7.25 4.60 -26.95
N GLY B 132 7.19 5.91 -27.12
CA GLY B 132 7.33 6.48 -28.45
C GLY B 132 8.73 6.45 -29.01
N PHE B 133 9.64 5.75 -28.35
CA PHE B 133 11.02 5.67 -28.82
C PHE B 133 11.44 4.24 -29.08
N LYS B 134 10.47 3.39 -29.38
CA LYS B 134 10.75 1.99 -29.65
C LYS B 134 10.26 1.66 -31.06
N ASP B 135 10.77 0.57 -31.63
CA ASP B 135 10.38 0.13 -32.97
C ASP B 135 9.17 -0.81 -32.88
N GLN B 136 8.75 -1.38 -34.01
CA GLN B 136 7.60 -2.29 -34.02
C GLN B 136 7.84 -3.57 -33.22
N ASN B 137 9.09 -3.79 -32.85
CA ASN B 137 9.47 -4.97 -32.08
C ASN B 137 9.63 -4.65 -30.60
N GLY B 138 9.11 -3.49 -30.20
CA GLY B 138 9.18 -3.08 -28.81
C GLY B 138 10.59 -2.88 -28.28
N ASN B 139 11.44 -2.26 -29.09
CA ASN B 139 12.82 -2.01 -28.70
C ASN B 139 13.25 -0.60 -29.01
N PHE B 140 14.06 -0.03 -28.12
CA PHE B 140 14.54 1.33 -28.35
C PHE B 140 15.27 1.44 -29.67
N LEU B 141 14.95 2.50 -30.40
CA LEU B 141 15.55 2.79 -31.69
C LEU B 141 17.07 2.84 -31.55
N GLU B 142 17.76 2.21 -32.49
CA GLU B 142 19.20 2.17 -32.47
C GLU B 142 19.81 3.52 -32.85
N ASN B 143 19.04 4.38 -33.49
CA ASN B 143 19.54 5.70 -33.89
C ASN B 143 19.66 6.67 -32.73
N LEU B 144 19.06 6.30 -31.60
CA LEU B 144 19.11 7.15 -30.42
C LEU B 144 20.54 7.16 -29.90
N LYS B 145 21.32 6.16 -30.29
CA LYS B 145 22.71 6.07 -29.86
C LYS B 145 23.59 7.17 -30.45
N GLU B 146 23.10 7.79 -31.53
CA GLU B 146 23.84 8.87 -32.17
C GLU B 146 23.74 10.13 -31.32
N ASP B 147 22.89 10.09 -30.30
CA ASP B 147 22.69 11.22 -29.38
C ASP B 147 23.13 10.83 -27.97
N THR B 148 24.43 10.78 -27.77
CA THR B 148 25.04 10.40 -26.49
C THR B 148 24.47 11.18 -25.30
N LYS B 149 24.10 12.44 -25.51
CA LYS B 149 23.54 13.30 -24.47
C LYS B 149 22.23 12.71 -23.97
N ALA B 150 21.36 12.33 -24.91
CA ALA B 150 20.05 11.76 -24.58
C ALA B 150 20.16 10.37 -23.95
N ILE B 151 21.15 9.61 -24.37
CA ILE B 151 21.29 8.29 -23.80
C ILE B 151 21.69 8.42 -22.34
N LEU B 152 22.39 9.50 -22.01
CA LEU B 152 22.80 9.74 -20.63
C LEU B 152 21.58 10.07 -19.78
N SER B 153 20.70 10.89 -20.33
CA SER B 153 19.48 11.29 -19.62
C SER B 153 18.61 10.06 -19.37
N LEU B 154 18.43 9.25 -20.41
CA LEU B 154 17.63 8.05 -20.30
C LEU B 154 18.19 7.22 -19.13
N TYR B 155 19.52 7.07 -19.10
CA TYR B 155 20.21 6.31 -18.06
C TYR B 155 19.89 6.85 -16.67
N GLU B 156 20.13 8.14 -16.47
CA GLU B 156 19.86 8.77 -15.19
C GLU B 156 18.40 8.56 -14.79
N ALA B 157 17.50 8.78 -15.73
CA ALA B 157 16.07 8.63 -15.51
C ALA B 157 15.62 7.22 -15.11
N SER B 158 16.26 6.21 -15.68
CA SER B 158 15.92 4.81 -15.41
C SER B 158 15.98 4.46 -13.94
N PHE B 159 16.91 5.09 -13.23
CA PHE B 159 17.10 4.83 -11.81
C PHE B 159 15.97 5.29 -10.91
N LEU B 160 15.08 6.12 -11.44
CA LEU B 160 13.94 6.58 -10.66
C LEU B 160 12.72 5.66 -10.85
N ALA B 161 12.97 4.49 -11.42
CA ALA B 161 11.93 3.51 -11.69
C ALA B 161 11.28 2.85 -10.48
N LEU B 162 10.00 2.54 -10.62
CA LEU B 162 9.20 1.88 -9.59
C LEU B 162 9.06 0.43 -10.04
N GLU B 163 8.65 -0.45 -9.13
CA GLU B 163 8.46 -1.85 -9.50
C GLU B 163 7.44 -1.94 -10.63
N GLY B 164 7.73 -2.78 -11.61
CA GLY B 164 6.83 -2.95 -12.71
C GLY B 164 7.09 -2.09 -13.95
N GLU B 165 7.94 -1.07 -13.86
CA GLU B 165 8.20 -0.24 -15.03
C GLU B 165 9.25 -0.87 -15.92
N ASN B 166 8.89 -1.98 -16.54
CA ASN B 166 9.82 -2.68 -17.40
C ASN B 166 10.50 -1.78 -18.44
N ILE B 167 9.79 -0.77 -18.93
CA ILE B 167 10.37 0.12 -19.93
C ILE B 167 11.63 0.82 -19.42
N LEU B 168 11.62 1.27 -18.18
CA LEU B 168 12.81 1.93 -17.63
C LEU B 168 13.86 0.88 -17.39
N ASP B 169 13.42 -0.33 -17.06
CA ASP B 169 14.32 -1.45 -16.81
C ASP B 169 15.11 -1.71 -18.08
N GLU B 170 14.40 -1.81 -19.20
CA GLU B 170 15.01 -2.06 -20.50
C GLU B 170 15.78 -0.83 -20.93
N ALA B 171 15.30 0.34 -20.52
CA ALA B 171 15.99 1.57 -20.91
C ALA B 171 17.38 1.58 -20.30
N ARG B 172 17.49 1.17 -19.04
CA ARG B 172 18.78 1.15 -18.35
C ARG B 172 19.77 0.23 -19.07
N VAL B 173 19.28 -0.93 -19.49
CA VAL B 173 20.13 -1.89 -20.18
C VAL B 173 20.57 -1.30 -21.53
N PHE B 174 19.61 -0.75 -22.24
CA PHE B 174 19.89 -0.16 -23.53
C PHE B 174 20.91 0.97 -23.40
N ALA B 175 20.74 1.81 -22.38
CA ALA B 175 21.65 2.93 -22.20
C ALA B 175 23.07 2.48 -21.90
N ILE B 176 23.25 1.69 -20.85
CA ILE B 176 24.58 1.23 -20.49
C ILE B 176 25.28 0.54 -21.67
N SER B 177 24.57 -0.33 -22.37
CA SER B 177 25.14 -1.04 -23.52
C SER B 177 25.84 -0.05 -24.46
N HIS B 178 25.31 1.17 -24.53
CA HIS B 178 25.88 2.21 -25.37
C HIS B 178 26.99 3.00 -24.69
N LEU B 179 26.71 3.46 -23.47
CA LEU B 179 27.68 4.24 -22.74
C LEU B 179 29.04 3.58 -22.58
N LYS B 180 29.06 2.25 -22.51
CA LYS B 180 30.32 1.52 -22.39
C LYS B 180 31.15 1.47 -23.67
N GLU B 181 30.48 1.68 -24.81
CA GLU B 181 31.11 1.68 -26.14
C GLU B 181 31.88 2.98 -26.40
N LEU B 182 31.26 4.10 -26.05
CA LEU B 182 31.85 5.42 -26.25
C LEU B 182 33.33 5.50 -25.92
N SER B 183 33.99 6.48 -26.54
CA SER B 183 35.41 6.74 -26.35
C SER B 183 35.65 8.25 -26.34
N GLU B 184 36.54 8.71 -25.46
CA GLU B 184 36.86 10.13 -25.34
C GLU B 184 37.15 10.74 -26.72
N GLU B 185 37.50 9.89 -27.68
CA GLU B 185 37.80 10.33 -29.03
C GLU B 185 36.53 10.61 -29.81
N LYS B 186 35.49 9.84 -29.52
CA LYS B 186 34.23 9.98 -30.22
C LYS B 186 33.36 11.13 -29.72
N ILE B 187 32.84 11.00 -28.51
CA ILE B 187 31.97 12.00 -27.91
C ILE B 187 32.65 13.30 -27.50
N GLY B 188 33.90 13.19 -27.04
CA GLY B 188 34.62 14.37 -26.59
C GLY B 188 35.09 14.19 -25.16
N LYS B 189 36.20 14.83 -24.80
CA LYS B 189 36.73 14.72 -23.46
C LYS B 189 35.69 15.11 -22.40
N GLU B 190 34.85 16.08 -22.72
CA GLU B 190 33.84 16.51 -21.77
C GLU B 190 32.76 15.45 -21.52
N LEU B 191 32.08 15.02 -22.58
CA LEU B 191 31.06 14.00 -22.45
C LEU B 191 31.58 12.73 -21.81
N ALA B 192 32.81 12.37 -22.15
CA ALA B 192 33.41 11.16 -21.59
C ALA B 192 33.46 11.24 -20.08
N GLU B 193 33.96 12.35 -19.56
CA GLU B 193 34.03 12.53 -18.12
C GLU B 193 32.63 12.40 -17.57
N GLN B 194 31.67 12.93 -18.32
CA GLN B 194 30.27 12.89 -17.94
C GLN B 194 29.74 11.46 -17.90
N VAL B 195 30.01 10.69 -18.96
CA VAL B 195 29.58 9.31 -19.05
C VAL B 195 30.25 8.47 -17.97
N ASN B 196 31.57 8.52 -17.89
CA ASN B 196 32.27 7.75 -16.86
C ASN B 196 31.70 8.08 -15.49
N HIS B 197 31.40 9.35 -15.24
CA HIS B 197 30.84 9.79 -13.95
C HIS B 197 29.50 9.07 -13.68
N ALA B 198 28.64 9.04 -14.71
CA ALA B 198 27.33 8.40 -14.61
C ALA B 198 27.44 6.89 -14.43
N LEU B 199 28.42 6.30 -15.10
CA LEU B 199 28.63 4.86 -15.00
C LEU B 199 29.20 4.49 -13.65
N GLU B 200 29.87 5.44 -13.00
CA GLU B 200 30.44 5.18 -11.69
C GLU B 200 29.30 5.06 -10.67
N LEU B 201 28.29 5.90 -10.81
CA LEU B 201 27.15 5.89 -9.91
C LEU B 201 26.14 6.87 -10.48
N PRO B 202 24.89 6.44 -10.68
CA PRO B 202 23.92 7.39 -11.23
C PRO B 202 23.61 8.52 -10.26
N LEU B 203 23.15 9.62 -10.84
CA LEU B 203 22.80 10.81 -10.09
C LEU B 203 21.86 10.50 -8.94
N HIS B 204 20.88 9.63 -9.19
CA HIS B 204 19.89 9.30 -8.19
C HIS B 204 20.45 8.56 -6.97
N ARG B 205 21.58 7.89 -7.16
CA ARG B 205 22.20 7.12 -6.08
C ARG B 205 23.40 7.80 -5.42
N ARG B 206 23.83 8.95 -5.94
CA ARG B 206 24.98 9.66 -5.38
C ARG B 206 24.56 10.74 -4.37
N THR B 207 25.35 10.91 -3.30
CA THR B 207 25.04 11.91 -2.27
C THR B 207 25.11 13.31 -2.89
N GLN B 208 24.27 14.22 -2.41
CA GLN B 208 24.27 15.56 -2.99
C GLN B 208 25.65 16.27 -2.87
N ARG B 209 26.33 16.10 -1.75
CA ARG B 209 27.64 16.73 -1.54
C ARG B 209 28.66 16.29 -2.57
N LEU B 210 28.82 14.98 -2.74
CA LEU B 210 29.76 14.45 -3.71
C LEU B 210 29.38 14.86 -5.12
N GLU B 211 28.11 15.13 -5.36
CA GLU B 211 27.72 15.54 -6.71
C GLU B 211 28.17 16.98 -6.91
N ALA B 212 27.94 17.83 -5.91
CA ALA B 212 28.31 19.23 -6.01
C ALA B 212 29.80 19.43 -6.29
N VAL B 213 30.66 18.80 -5.49
CA VAL B 213 32.10 18.96 -5.73
C VAL B 213 32.43 18.60 -7.16
N TRP B 214 32.03 17.41 -7.58
CA TRP B 214 32.32 17.00 -8.94
C TRP B 214 31.73 17.95 -9.99
N SER B 215 30.43 18.20 -9.92
CA SER B 215 29.80 19.07 -10.92
C SER B 215 30.32 20.50 -10.98
N ILE B 216 30.74 21.03 -9.85
CA ILE B 216 31.27 22.39 -9.81
C ILE B 216 32.64 22.42 -10.50
N GLU B 217 33.46 21.40 -10.31
CA GLU B 217 34.77 21.37 -10.94
C GLU B 217 34.65 21.20 -12.46
N ALA B 218 33.59 20.54 -12.90
CA ALA B 218 33.37 20.29 -14.31
C ALA B 218 32.63 21.43 -15.01
N TYR B 219 31.80 22.12 -14.25
CA TYR B 219 31.03 23.21 -14.81
C TYR B 219 31.86 24.48 -15.00
N ARG B 220 32.82 24.68 -14.11
CA ARG B 220 33.67 25.87 -14.17
C ARG B 220 34.66 25.79 -15.33
N LYS B 221 34.74 24.60 -15.94
CA LYS B 221 35.63 24.39 -17.06
C LYS B 221 34.93 24.68 -18.37
N LYS B 222 33.61 24.75 -18.32
CA LYS B 222 32.80 25.04 -19.49
C LYS B 222 32.82 26.53 -19.82
N GLU B 223 33.07 26.86 -21.08
CA GLU B 223 33.12 28.26 -21.48
C GLU B 223 31.74 28.90 -21.47
N ASP B 224 30.71 28.17 -21.92
CA ASP B 224 29.35 28.71 -21.95
C ASP B 224 28.63 28.60 -20.60
N ALA B 225 29.39 28.38 -19.54
CA ALA B 225 28.84 28.24 -18.20
C ALA B 225 28.24 29.54 -17.67
N ASN B 226 27.15 29.44 -16.92
CA ASN B 226 26.51 30.61 -16.34
C ASN B 226 27.36 31.10 -15.17
N GLN B 227 28.10 32.18 -15.37
CA GLN B 227 28.97 32.72 -14.33
C GLN B 227 28.28 33.03 -13.00
N VAL B 228 27.04 33.49 -13.07
CA VAL B 228 26.29 33.80 -11.86
C VAL B 228 26.02 32.53 -11.06
N LEU B 229 25.46 31.53 -11.74
CA LEU B 229 25.14 30.26 -11.11
C LEU B 229 26.39 29.60 -10.56
N LEU B 230 27.45 29.61 -11.38
CA LEU B 230 28.72 29.01 -10.99
C LEU B 230 29.31 29.65 -9.73
N GLU B 231 29.27 30.97 -9.66
CA GLU B 231 29.82 31.66 -8.48
C GLU B 231 28.97 31.42 -7.23
N LEU B 232 27.66 31.34 -7.41
CA LEU B 232 26.75 31.08 -6.29
C LEU B 232 27.06 29.68 -5.75
N ALA B 233 27.18 28.73 -6.67
CA ALA B 233 27.47 27.33 -6.35
C ALA B 233 28.71 27.17 -5.47
N ILE B 234 29.79 27.85 -5.86
CA ILE B 234 31.04 27.79 -5.11
C ILE B 234 30.87 28.47 -3.76
N LEU B 235 30.24 29.63 -3.78
CA LEU B 235 30.01 30.38 -2.56
C LEU B 235 29.19 29.57 -1.54
N ASP B 236 28.07 28.98 -1.98
CA ASP B 236 27.18 28.17 -1.13
C ASP B 236 27.88 26.88 -0.68
N TYR B 237 28.70 26.29 -1.54
CA TYR B 237 29.37 25.06 -1.15
C TYR B 237 30.32 25.32 0.00
N ASN B 238 31.22 26.29 -0.17
CA ASN B 238 32.18 26.61 0.89
C ASN B 238 31.52 27.14 2.16
N MET B 239 30.36 27.78 2.00
CA MET B 239 29.65 28.28 3.16
C MET B 239 29.10 27.12 4.00
N ILE B 240 28.61 26.09 3.32
CA ILE B 240 28.06 24.92 4.01
C ILE B 240 29.22 24.10 4.62
N GLN B 241 30.34 24.00 3.91
CA GLN B 241 31.47 23.24 4.41
C GLN B 241 31.97 23.86 5.71
N SER B 242 31.92 25.18 5.80
CA SER B 242 32.37 25.87 7.01
C SER B 242 31.47 25.45 8.17
N VAL B 243 30.20 25.15 7.89
CA VAL B 243 29.31 24.72 8.95
C VAL B 243 29.76 23.33 9.41
N TYR B 244 29.99 22.42 8.47
CA TYR B 244 30.42 21.08 8.84
C TYR B 244 31.69 21.16 9.70
N GLN B 245 32.62 22.02 9.31
CA GLN B 245 33.86 22.17 10.06
C GLN B 245 33.59 22.60 11.49
N ARG B 246 32.55 23.41 11.67
CA ARG B 246 32.19 23.86 13.00
C ARG B 246 31.56 22.70 13.78
N ASP B 247 30.73 21.90 13.10
CA ASP B 247 30.08 20.75 13.75
C ASP B 247 31.11 19.72 14.19
N LEU B 248 31.98 19.36 13.25
CA LEU B 248 33.02 18.38 13.48
C LEU B 248 33.96 18.83 14.58
N ARG B 249 34.09 20.14 14.71
CA ARG B 249 34.95 20.71 15.72
C ARG B 249 34.29 20.48 17.08
N GLU B 250 33.02 20.84 17.22
CA GLU B 250 32.30 20.64 18.47
C GLU B 250 32.25 19.17 18.83
N THR B 251 31.91 18.32 17.87
CA THR B 251 31.81 16.89 18.12
C THR B 251 33.15 16.28 18.49
N SER B 252 34.23 16.81 17.92
CA SER B 252 35.57 16.30 18.24
C SER B 252 35.93 16.60 19.70
N ARG B 253 35.60 17.80 20.16
CA ARG B 253 35.87 18.18 21.54
C ARG B 253 35.17 17.18 22.44
N TRP B 254 34.01 16.71 22.00
CA TRP B 254 33.22 15.75 22.75
C TRP B 254 33.91 14.39 22.75
N TRP B 255 34.26 13.92 21.56
CA TRP B 255 34.92 12.62 21.39
C TRP B 255 36.20 12.51 22.22
N ARG B 256 37.06 13.51 22.13
CA ARG B 256 38.31 13.52 22.86
C ARG B 256 38.05 13.58 24.36
N ARG B 257 36.95 14.25 24.75
CA ARG B 257 36.56 14.40 26.15
C ARG B 257 36.20 13.05 26.73
N VAL B 258 35.65 12.17 25.90
CA VAL B 258 35.25 10.84 26.34
C VAL B 258 36.47 9.94 26.38
N GLY B 259 37.38 10.17 25.44
CA GLY B 259 38.61 9.39 25.37
C GLY B 259 38.44 7.88 25.35
N LEU B 260 37.26 7.44 24.97
CA LEU B 260 36.98 6.02 24.92
C LEU B 260 37.91 5.29 23.95
N ALA B 261 38.29 5.96 22.87
CA ALA B 261 39.16 5.36 21.87
C ALA B 261 40.61 5.27 22.34
N THR B 262 41.06 6.25 23.12
CA THR B 262 42.42 6.21 23.59
C THR B 262 42.56 5.29 24.79
N LYS B 263 41.43 4.83 25.34
CA LYS B 263 41.45 3.93 26.50
C LYS B 263 41.34 2.46 26.11
N LEU B 264 40.71 2.22 24.97
CA LEU B 264 40.52 0.87 24.47
C LEU B 264 41.54 0.67 23.36
N HIS B 265 42.70 0.17 23.74
CA HIS B 265 43.79 -0.05 22.79
C HIS B 265 43.38 -0.88 21.57
N PHE B 266 42.27 -1.60 21.64
CA PHE B 266 41.84 -2.41 20.49
C PHE B 266 40.92 -1.61 19.59
N ALA B 267 40.18 -0.68 20.18
CA ALA B 267 39.23 0.13 19.44
C ALA B 267 39.86 1.03 18.39
N ARG B 268 39.18 1.15 17.26
CA ARG B 268 39.65 2.02 16.19
C ARG B 268 38.82 3.30 16.19
N ASP B 269 39.49 4.43 16.04
CA ASP B 269 38.81 5.72 16.03
C ASP B 269 38.29 6.04 14.64
N ARG B 270 36.98 6.19 14.50
CA ARG B 270 36.39 6.50 13.21
C ARG B 270 35.39 7.66 13.25
N LEU B 271 35.70 8.66 14.06
CA LEU B 271 34.87 9.85 14.21
C LEU B 271 34.79 10.68 12.93
N ILE B 272 35.94 10.96 12.30
CA ILE B 272 35.99 11.75 11.07
C ILE B 272 35.20 11.04 9.97
N GLU B 273 35.44 9.74 9.81
CA GLU B 273 34.75 8.95 8.79
C GLU B 273 33.25 8.94 9.12
N SER B 274 32.93 8.92 10.41
CA SER B 274 31.55 8.92 10.84
C SER B 274 30.86 10.24 10.53
N PHE B 275 31.60 11.34 10.59
CA PHE B 275 30.98 12.61 10.29
C PHE B 275 30.77 12.75 8.78
N TYR B 276 31.72 12.23 8.01
CA TYR B 276 31.63 12.26 6.55
C TYR B 276 30.35 11.51 6.16
N TRP B 277 30.11 10.41 6.85
CA TRP B 277 28.94 9.60 6.63
C TRP B 277 27.68 10.43 6.93
N ALA B 278 27.64 11.02 8.13
CA ALA B 278 26.50 11.83 8.52
C ALA B 278 26.17 12.92 7.50
N VAL B 279 27.18 13.55 6.93
CA VAL B 279 26.98 14.60 5.94
C VAL B 279 26.15 14.09 4.74
N GLY B 280 26.39 12.85 4.35
CA GLY B 280 25.65 12.28 3.24
C GLY B 280 24.20 12.05 3.61
N VAL B 281 23.93 11.84 4.90
CA VAL B 281 22.57 11.62 5.36
C VAL B 281 21.80 12.91 5.58
N ALA B 282 22.50 13.99 5.92
CA ALA B 282 21.83 15.27 6.16
C ALA B 282 22.81 16.40 5.85
N PHE B 283 22.91 16.76 4.57
CA PHE B 283 23.81 17.82 4.13
C PHE B 283 23.28 19.23 4.39
N GLU B 284 21.96 19.41 4.45
CA GLU B 284 21.42 20.75 4.69
C GLU B 284 22.07 21.36 5.92
N PRO B 285 22.60 22.59 5.78
CA PRO B 285 23.25 23.29 6.89
C PRO B 285 22.44 23.34 8.19
N GLN B 286 21.12 23.28 8.09
CA GLN B 286 20.29 23.34 9.29
C GLN B 286 20.22 22.01 10.06
N TYR B 287 20.86 20.96 9.55
CA TYR B 287 20.80 19.67 10.25
C TYR B 287 22.03 19.26 11.08
N SER B 288 22.68 20.24 11.70
CA SER B 288 23.85 19.96 12.52
C SER B 288 23.55 18.91 13.59
N ASP B 289 22.36 18.96 14.19
CA ASP B 289 22.02 17.99 15.22
C ASP B 289 22.00 16.57 14.67
N CYS B 290 21.30 16.39 13.56
CA CYS B 290 21.22 15.09 12.93
C CYS B 290 22.63 14.64 12.60
N ARG B 291 23.38 15.55 12.01
CA ARG B 291 24.75 15.30 11.62
C ARG B 291 25.61 14.86 12.82
N ASN B 292 25.52 15.58 13.94
CA ASN B 292 26.31 15.20 15.09
C ASN B 292 25.80 13.92 15.73
N SER B 293 24.47 13.80 15.83
CA SER B 293 23.84 12.63 16.41
C SER B 293 24.24 11.34 15.66
N VAL B 294 24.14 11.34 14.34
CA VAL B 294 24.50 10.14 13.58
C VAL B 294 26.00 9.88 13.69
N ALA B 295 26.78 10.95 13.65
CA ALA B 295 28.23 10.81 13.78
C ALA B 295 28.60 10.20 15.13
N LYS B 296 28.01 10.70 16.21
CA LYS B 296 28.31 10.15 17.53
C LYS B 296 27.88 8.69 17.62
N MET B 297 26.73 8.37 17.05
CA MET B 297 26.23 7.01 17.09
C MET B 297 27.12 6.06 16.29
N PHE B 298 27.49 6.45 15.09
CA PHE B 298 28.33 5.56 14.29
C PHE B 298 29.70 5.38 14.93
N SER B 299 30.13 6.38 15.69
CA SER B 299 31.43 6.29 16.37
C SER B 299 31.40 5.25 17.49
N PHE B 300 30.24 5.11 18.11
CA PHE B 300 30.06 4.15 19.18
C PHE B 300 29.86 2.78 18.57
N VAL B 301 29.09 2.72 17.50
CA VAL B 301 28.82 1.47 16.80
C VAL B 301 30.15 0.84 16.39
N THR B 302 31.10 1.69 16.02
CA THR B 302 32.41 1.23 15.58
C THR B 302 33.12 0.48 16.70
N ILE B 303 33.25 1.12 17.84
CA ILE B 303 33.93 0.50 18.97
C ILE B 303 33.27 -0.79 19.44
N ILE B 304 31.95 -0.73 19.61
CA ILE B 304 31.17 -1.88 20.05
C ILE B 304 31.19 -3.01 19.01
N ASP B 305 31.25 -2.64 17.74
CA ASP B 305 31.30 -3.62 16.68
C ASP B 305 32.61 -4.41 16.87
N ASP B 306 33.71 -3.70 17.15
CA ASP B 306 35.01 -4.36 17.38
C ASP B 306 34.90 -5.32 18.56
N ILE B 307 34.20 -4.89 19.60
CA ILE B 307 34.06 -5.72 20.81
C ILE B 307 33.31 -7.02 20.53
N TYR B 308 32.24 -6.97 19.74
CA TYR B 308 31.49 -8.19 19.44
C TYR B 308 32.19 -9.03 18.38
N ASP B 309 32.80 -8.35 17.40
CA ASP B 309 33.48 -9.04 16.32
C ASP B 309 34.82 -9.68 16.63
N VAL B 310 35.67 -9.04 17.42
CA VAL B 310 36.98 -9.63 17.68
C VAL B 310 37.53 -9.65 19.10
N TYR B 311 37.18 -8.66 19.90
CA TYR B 311 37.72 -8.57 21.25
C TYR B 311 37.03 -9.36 22.36
N GLY B 312 35.73 -9.18 22.50
CA GLY B 312 35.01 -9.86 23.56
C GLY B 312 34.73 -11.33 23.37
N THR B 313 34.67 -12.04 24.49
CA THR B 313 34.37 -13.47 24.47
C THR B 313 32.87 -13.54 24.67
N LEU B 314 32.23 -14.58 24.17
CA LEU B 314 30.80 -14.72 24.31
C LEU B 314 30.29 -14.40 25.72
N ASP B 315 30.94 -14.95 26.75
CA ASP B 315 30.49 -14.68 28.11
C ASP B 315 30.46 -13.18 28.40
N GLU B 316 31.43 -12.47 27.82
CA GLU B 316 31.52 -11.03 28.00
C GLU B 316 30.42 -10.35 27.18
N LEU B 317 30.26 -10.78 25.94
CA LEU B 317 29.25 -10.19 25.09
C LEU B 317 27.88 -10.33 25.76
N GLU B 318 27.63 -11.47 26.37
CA GLU B 318 26.35 -11.70 27.02
C GLU B 318 26.10 -10.65 28.11
N LEU B 319 27.11 -10.36 28.92
CA LEU B 319 27.00 -9.36 29.98
C LEU B 319 26.70 -7.98 29.42
N PHE B 320 27.40 -7.64 28.35
CA PHE B 320 27.21 -6.34 27.74
C PHE B 320 25.81 -6.25 27.10
N THR B 321 25.41 -7.31 26.39
CA THR B 321 24.10 -7.32 25.76
C THR B 321 23.00 -7.18 26.80
N ASP B 322 23.23 -7.78 27.97
CA ASP B 322 22.25 -7.68 29.03
C ASP B 322 22.29 -6.31 29.70
N ALA B 323 23.49 -5.72 29.77
CA ALA B 323 23.62 -4.41 30.37
C ALA B 323 22.80 -3.41 29.56
N VAL B 324 22.88 -3.50 28.24
CA VAL B 324 22.13 -2.57 27.40
C VAL B 324 20.62 -2.80 27.51
N GLU B 325 20.19 -4.05 27.62
CA GLU B 325 18.76 -4.34 27.73
C GLU B 325 18.16 -3.87 29.06
N ARG B 326 18.93 -3.91 30.13
CA ARG B 326 18.41 -3.47 31.42
C ARG B 326 18.55 -1.96 31.54
N TRP B 327 19.55 -1.40 30.86
CA TRP B 327 19.82 0.03 30.88
C TRP B 327 19.85 0.53 32.33
N ASP B 328 20.59 -0.19 33.17
CA ASP B 328 20.70 0.15 34.59
C ASP B 328 22.13 0.51 34.98
N VAL B 329 22.37 1.79 35.30
CA VAL B 329 23.71 2.19 35.68
C VAL B 329 24.14 1.54 36.99
N ASN B 330 23.24 1.46 37.96
CA ASN B 330 23.55 0.88 39.25
C ASN B 330 24.07 -0.56 39.17
N ALA B 331 24.11 -1.12 37.96
CA ALA B 331 24.59 -2.49 37.77
C ALA B 331 25.62 -2.59 36.64
N ILE B 332 26.67 -1.79 36.72
CA ILE B 332 27.72 -1.81 35.71
C ILE B 332 28.94 -2.52 36.27
N ASN B 333 28.94 -2.73 37.58
CA ASN B 333 30.06 -3.38 38.24
C ASN B 333 30.10 -4.87 37.94
N ASP B 334 29.26 -5.32 37.02
CA ASP B 334 29.25 -6.73 36.70
C ASP B 334 30.05 -6.92 35.42
N LEU B 335 30.24 -5.83 34.70
CA LEU B 335 30.97 -5.84 33.44
C LEU B 335 32.47 -5.75 33.60
N PRO B 336 33.23 -6.43 32.73
CA PRO B 336 34.69 -6.33 32.88
C PRO B 336 35.07 -4.86 32.73
N ASP B 337 36.23 -4.48 33.24
CA ASP B 337 36.68 -3.10 33.18
C ASP B 337 36.56 -2.40 31.83
N TYR B 338 37.00 -3.04 30.75
CA TYR B 338 36.93 -2.38 29.47
C TYR B 338 35.48 -2.12 29.04
N MET B 339 34.56 -3.00 29.43
CA MET B 339 33.17 -2.80 29.05
C MET B 339 32.44 -1.80 29.94
N LYS B 340 32.87 -1.72 31.20
CA LYS B 340 32.23 -0.79 32.13
C LYS B 340 32.47 0.63 31.62
N LEU B 341 33.69 0.88 31.13
CA LEU B 341 34.08 2.17 30.60
C LEU B 341 33.22 2.43 29.35
N CYS B 342 33.25 1.47 28.44
CA CYS B 342 32.49 1.58 27.19
C CYS B 342 31.00 1.79 27.42
N PHE B 343 30.42 1.02 28.32
CA PHE B 343 29.00 1.13 28.61
C PHE B 343 28.60 2.48 29.19
N LEU B 344 29.30 2.91 30.25
CA LEU B 344 28.97 4.17 30.88
C LEU B 344 29.00 5.31 29.87
N ALA B 345 29.97 5.27 28.97
CA ALA B 345 30.10 6.31 27.96
C ALA B 345 28.91 6.30 27.00
N LEU B 346 28.53 5.11 26.54
CA LEU B 346 27.39 4.98 25.63
C LEU B 346 26.15 5.41 26.41
N TYR B 347 26.07 4.93 27.65
CA TYR B 347 24.95 5.21 28.55
C TYR B 347 24.68 6.70 28.69
N ASN B 348 25.70 7.46 29.08
CA ASN B 348 25.52 8.89 29.26
C ASN B 348 25.17 9.59 27.95
N THR B 349 25.76 9.14 26.85
CA THR B 349 25.47 9.80 25.58
C THR B 349 24.00 9.63 25.22
N ILE B 350 23.51 8.41 25.30
CA ILE B 350 22.11 8.18 24.98
C ILE B 350 21.19 8.90 25.96
N ASN B 351 21.51 8.93 27.25
CA ASN B 351 20.65 9.64 28.17
C ASN B 351 20.71 11.14 27.87
N GLU B 352 21.86 11.63 27.41
CA GLU B 352 21.99 13.04 27.09
C GLU B 352 21.02 13.39 25.97
N ILE B 353 21.09 12.64 24.87
CA ILE B 353 20.21 12.85 23.74
C ILE B 353 18.76 12.84 24.23
N ALA B 354 18.43 11.89 25.10
CA ALA B 354 17.08 11.82 25.64
C ALA B 354 16.73 13.15 26.34
N TYR B 355 17.67 13.70 27.12
CA TYR B 355 17.42 14.96 27.82
C TYR B 355 17.02 16.04 26.84
N ASP B 356 17.84 16.24 25.80
CA ASP B 356 17.58 17.24 24.78
C ASP B 356 16.15 17.19 24.25
N ASN B 357 15.71 15.99 23.87
CA ASN B 357 14.37 15.81 23.35
C ASN B 357 13.34 16.06 24.42
N LEU B 358 13.65 15.67 25.64
CA LEU B 358 12.72 15.87 26.73
C LEU B 358 12.58 17.38 26.95
N LYS B 359 13.67 18.11 26.76
CA LYS B 359 13.65 19.55 26.96
C LYS B 359 12.99 20.32 25.82
N ASP B 360 13.27 19.92 24.60
CA ASP B 360 12.74 20.59 23.42
C ASP B 360 11.38 20.08 22.98
N LYS B 361 11.21 18.77 22.95
CA LYS B 361 9.94 18.23 22.51
C LYS B 361 9.03 17.87 23.67
N GLY B 362 9.50 18.07 24.90
CA GLY B 362 8.68 17.73 26.05
C GLY B 362 8.23 16.29 26.00
N GLU B 363 9.06 15.41 25.44
CA GLU B 363 8.70 14.00 25.38
C GLU B 363 9.85 13.15 25.92
N ASN B 364 9.54 11.99 26.47
CA ASN B 364 10.57 11.07 26.97
C ASN B 364 10.67 9.95 25.94
N ILE B 365 11.78 9.92 25.21
CA ILE B 365 11.97 8.92 24.16
C ILE B 365 13.05 7.90 24.49
N LEU B 366 13.60 8.00 25.70
CA LEU B 366 14.65 7.09 26.13
C LEU B 366 14.37 5.64 25.76
N PRO B 367 13.14 5.14 26.05
CA PRO B 367 12.81 3.75 25.72
C PRO B 367 13.08 3.40 24.26
N TYR B 368 12.73 4.35 23.38
CA TYR B 368 12.92 4.17 21.95
C TYR B 368 14.41 4.06 21.60
N LEU B 369 15.22 4.93 22.19
CA LEU B 369 16.65 4.93 21.94
C LEU B 369 17.33 3.68 22.53
N THR B 370 16.96 3.28 23.74
CA THR B 370 17.58 2.11 24.35
C THR B 370 17.18 0.84 23.62
N LYS B 371 15.93 0.79 23.16
CA LYS B 371 15.44 -0.38 22.43
C LYS B 371 16.34 -0.60 21.23
N ALA B 372 16.57 0.49 20.49
CA ALA B 372 17.41 0.45 19.32
C ALA B 372 18.75 -0.17 19.67
N TRP B 373 19.41 0.34 20.71
CA TRP B 373 20.69 -0.22 21.08
C TRP B 373 20.57 -1.67 21.52
N ALA B 374 19.50 -2.01 22.24
CA ALA B 374 19.30 -3.38 22.67
C ALA B 374 19.28 -4.30 21.44
N ASP B 375 18.55 -3.89 20.41
CA ASP B 375 18.45 -4.70 19.19
C ASP B 375 19.78 -4.81 18.45
N LEU B 376 20.51 -3.71 18.36
CA LEU B 376 21.79 -3.72 17.68
C LEU B 376 22.71 -4.70 18.37
N CYS B 377 22.93 -4.49 19.67
CA CYS B 377 23.80 -5.42 20.40
C CYS B 377 23.33 -6.88 20.21
N ASN B 378 22.02 -7.09 20.23
CA ASN B 378 21.53 -8.46 20.04
C ASN B 378 21.80 -9.00 18.63
N ALA B 379 21.84 -8.11 17.65
CA ALA B 379 22.13 -8.54 16.28
C ALA B 379 23.59 -8.96 16.28
N PHE B 380 24.41 -8.17 16.96
CA PHE B 380 25.83 -8.45 17.07
C PHE B 380 26.08 -9.72 17.83
N LEU B 381 25.31 -9.92 18.90
CA LEU B 381 25.46 -11.10 19.72
C LEU B 381 25.15 -12.36 18.91
N GLN B 382 24.13 -12.24 18.07
CA GLN B 382 23.72 -13.35 17.23
C GLN B 382 24.84 -13.71 16.25
N GLU B 383 25.41 -12.69 15.61
CA GLU B 383 26.48 -12.95 14.66
C GLU B 383 27.67 -13.59 15.35
N ALA B 384 28.03 -13.09 16.54
CA ALA B 384 29.15 -13.63 17.29
C ALA B 384 28.92 -15.11 17.56
N LYS B 385 27.68 -15.47 17.90
CA LYS B 385 27.37 -16.86 18.15
C LYS B 385 27.42 -17.71 16.89
N TRP B 386 26.83 -17.26 15.78
CA TRP B 386 26.87 -18.05 14.57
C TRP B 386 28.31 -18.36 14.21
N LEU B 387 29.18 -17.38 14.39
CA LEU B 387 30.58 -17.57 14.07
C LEU B 387 31.24 -18.65 14.94
N TYR B 388 31.09 -18.53 16.25
CA TYR B 388 31.66 -19.49 17.19
C TYR B 388 31.14 -20.93 17.00
N ASN B 389 29.88 -21.06 16.59
CA ASN B 389 29.28 -22.37 16.39
C ASN B 389 29.29 -22.80 14.92
N LYS B 390 29.93 -22.00 14.08
CA LYS B 390 30.01 -22.31 12.66
C LYS B 390 28.64 -22.66 12.09
N SER B 391 27.62 -22.02 12.65
CA SER B 391 26.25 -22.23 12.23
C SER B 391 26.05 -21.83 10.78
N THR B 392 24.98 -22.35 10.19
CA THR B 392 24.66 -22.06 8.80
C THR B 392 23.17 -21.80 8.68
N PRO B 393 22.73 -20.59 9.08
CA PRO B 393 21.31 -20.26 8.98
C PRO B 393 20.91 -19.98 7.54
N THR B 394 19.61 -19.79 7.33
CA THR B 394 19.08 -19.50 6.01
C THR B 394 19.33 -18.04 5.67
N PHE B 395 19.46 -17.72 4.38
CA PHE B 395 19.71 -16.36 3.97
C PHE B 395 18.78 -15.39 4.67
N ASP B 396 17.48 -15.70 4.66
CA ASP B 396 16.51 -14.83 5.30
C ASP B 396 16.82 -14.58 6.77
N ASP B 397 17.27 -15.62 7.46
CA ASP B 397 17.62 -15.50 8.89
C ASP B 397 18.90 -14.69 9.07
N TYR B 398 19.90 -14.97 8.24
CA TYR B 398 21.16 -14.26 8.31
C TYR B 398 20.99 -12.80 7.94
N PHE B 399 20.47 -12.57 6.72
CA PHE B 399 20.24 -11.23 6.18
C PHE B 399 19.31 -10.43 7.07
N GLY B 400 18.31 -11.08 7.65
CA GLY B 400 17.42 -10.37 8.53
C GLY B 400 18.16 -9.76 9.71
N ASN B 401 19.14 -10.50 10.21
CA ASN B 401 19.95 -10.05 11.34
C ASN B 401 21.02 -9.08 10.85
N ALA B 402 21.50 -9.30 9.62
CA ALA B 402 22.54 -8.49 9.02
C ALA B 402 22.17 -7.04 8.74
N TRP B 403 20.99 -6.77 8.19
CA TRP B 403 20.68 -5.39 7.92
C TRP B 403 20.41 -4.66 9.23
N LYS B 404 20.09 -5.41 10.28
CA LYS B 404 19.87 -4.76 11.57
C LYS B 404 21.21 -4.45 12.20
N SER B 405 22.14 -5.40 12.13
CA SER B 405 23.46 -5.23 12.72
C SER B 405 24.30 -4.20 11.96
N SER B 406 23.77 -3.74 10.83
CA SER B 406 24.47 -2.74 10.05
C SER B 406 24.48 -1.46 10.86
N SER B 407 23.47 -1.33 11.72
CA SER B 407 23.26 -0.16 12.58
C SER B 407 22.52 0.90 11.80
N GLY B 408 22.21 0.59 10.55
CA GLY B 408 21.49 1.51 9.69
C GLY B 408 20.17 1.95 10.32
N PRO B 409 19.33 1.00 10.74
CA PRO B 409 18.06 1.46 11.34
C PRO B 409 18.29 2.24 12.64
N LEU B 410 19.20 1.78 13.49
CA LEU B 410 19.47 2.49 14.73
C LEU B 410 19.82 3.93 14.42
N GLN B 411 20.70 4.12 13.44
CA GLN B 411 21.11 5.46 13.02
C GLN B 411 19.91 6.32 12.60
N LEU B 412 19.05 5.75 11.76
CA LEU B 412 17.88 6.49 11.28
C LEU B 412 16.92 6.86 12.40
N ILE B 413 16.80 6.00 13.41
CA ILE B 413 15.91 6.30 14.52
C ILE B 413 16.41 7.57 15.20
N PHE B 414 17.72 7.66 15.38
CA PHE B 414 18.30 8.82 16.00
C PHE B 414 18.19 10.03 15.08
N ALA B 415 18.28 9.79 13.77
CA ALA B 415 18.16 10.88 12.80
C ALA B 415 16.74 11.43 12.86
N TYR B 416 15.78 10.52 12.97
CA TYR B 416 14.37 10.90 13.06
C TYR B 416 14.20 12.00 14.10
N PHE B 417 14.67 11.74 15.31
CA PHE B 417 14.54 12.72 16.37
C PHE B 417 15.35 13.99 16.19
N ALA B 418 16.21 14.03 15.18
CA ALA B 418 17.02 15.23 14.97
C ALA B 418 16.56 15.98 13.73
N VAL B 419 15.65 15.37 12.97
CA VAL B 419 15.15 15.96 11.74
C VAL B 419 13.68 16.42 11.81
N VAL B 420 12.87 15.73 12.59
CA VAL B 420 11.47 16.11 12.72
C VAL B 420 11.29 17.00 13.95
N GLN B 421 10.47 18.04 13.84
CA GLN B 421 10.24 18.95 14.95
C GLN B 421 9.12 18.41 15.82
N ASN B 422 8.02 18.02 15.19
CA ASN B 422 6.88 17.47 15.92
C ASN B 422 6.81 15.97 15.70
N ILE B 423 7.27 15.21 16.69
CA ILE B 423 7.25 13.77 16.56
C ILE B 423 5.85 13.21 16.81
N LYS B 424 5.57 12.07 16.19
CA LYS B 424 4.27 11.44 16.30
C LYS B 424 4.38 10.01 16.80
N LYS B 425 3.53 9.63 17.75
CA LYS B 425 3.59 8.29 18.31
C LYS B 425 3.48 7.22 17.24
N GLU B 426 2.61 7.42 16.27
CA GLU B 426 2.47 6.42 15.22
C GLU B 426 3.77 6.26 14.45
N GLU B 427 4.41 7.39 14.12
CA GLU B 427 5.66 7.35 13.39
C GLU B 427 6.72 6.58 14.16
N ILE B 428 6.94 6.96 15.42
CA ILE B 428 7.95 6.29 16.23
C ILE B 428 7.62 4.83 16.46
N GLU B 429 6.35 4.52 16.64
CA GLU B 429 5.94 3.14 16.88
C GLU B 429 6.30 2.26 15.70
N ASN B 430 6.31 2.86 14.51
CA ASN B 430 6.64 2.15 13.28
C ASN B 430 8.12 1.99 13.07
N LEU B 431 8.89 2.96 13.56
CA LEU B 431 10.33 2.86 13.43
C LEU B 431 10.76 1.71 14.32
N GLN B 432 10.20 1.66 15.53
CA GLN B 432 10.54 0.60 16.48
C GLN B 432 10.26 -0.80 15.90
N LYS B 433 9.28 -0.88 15.00
CA LYS B 433 8.92 -2.14 14.35
C LYS B 433 9.71 -2.28 13.05
N TYR B 434 10.67 -1.38 12.86
CA TYR B 434 11.52 -1.36 11.66
C TYR B 434 10.74 -1.22 10.34
N HIS B 435 9.95 -0.16 10.27
CA HIS B 435 9.14 0.17 9.10
C HIS B 435 10.01 0.15 7.85
N ASP B 436 9.41 -0.19 6.71
CA ASP B 436 10.15 -0.24 5.45
C ASP B 436 10.96 1.03 5.14
N ILE B 437 10.55 2.15 5.72
CA ILE B 437 11.24 3.40 5.43
C ILE B 437 12.69 3.37 5.92
N ILE B 438 12.95 2.63 6.99
CA ILE B 438 14.31 2.57 7.48
C ILE B 438 14.95 1.22 7.24
N SER B 439 14.13 0.18 7.09
CA SER B 439 14.73 -1.13 6.85
C SER B 439 15.29 -1.21 5.42
N ARG B 440 14.52 -0.75 4.42
CA ARG B 440 14.97 -0.79 3.02
C ARG B 440 16.38 -0.18 2.85
N PRO B 441 16.57 1.10 3.21
CA PRO B 441 17.92 1.65 3.05
C PRO B 441 18.95 0.85 3.84
N SER B 442 18.53 0.24 4.94
CA SER B 442 19.50 -0.54 5.70
C SER B 442 19.82 -1.83 4.94
N HIS B 443 18.90 -2.29 4.10
CA HIS B 443 19.15 -3.49 3.32
C HIS B 443 20.27 -3.16 2.35
N ILE B 444 20.15 -2.01 1.71
CA ILE B 444 21.14 -1.58 0.74
C ILE B 444 22.48 -1.33 1.43
N PHE B 445 22.40 -0.75 2.62
CA PHE B 445 23.57 -0.47 3.42
C PHE B 445 24.34 -1.76 3.65
N ARG B 446 23.70 -2.77 4.23
CA ARG B 446 24.37 -4.03 4.48
C ARG B 446 24.90 -4.70 3.21
N LEU B 447 24.07 -4.75 2.17
CA LEU B 447 24.49 -5.37 0.92
C LEU B 447 25.67 -4.67 0.25
N CYS B 448 25.73 -3.34 0.27
CA CYS B 448 26.85 -2.69 -0.36
C CYS B 448 28.13 -3.02 0.39
N ASN B 449 28.06 -3.03 1.71
CA ASN B 449 29.21 -3.35 2.53
C ASN B 449 29.69 -4.77 2.23
N ASP B 450 28.80 -5.75 2.30
CA ASP B 450 29.21 -7.12 2.03
C ASP B 450 29.75 -7.33 0.62
N LEU B 451 29.34 -6.49 -0.31
CA LEU B 451 29.83 -6.63 -1.67
C LEU B 451 31.28 -6.16 -1.79
N ALA B 452 31.62 -5.09 -1.08
CA ALA B 452 32.98 -4.57 -1.15
C ALA B 452 34.01 -5.47 -0.48
N SER B 453 33.56 -6.47 0.25
CA SER B 453 34.50 -7.36 0.91
C SER B 453 34.23 -8.81 0.62
N ALA B 454 33.20 -9.07 -0.18
CA ALA B 454 32.83 -10.43 -0.51
C ALA B 454 33.96 -11.28 -1.06
N SER B 455 34.54 -10.87 -2.20
CA SER B 455 35.63 -11.64 -2.79
C SER B 455 36.71 -12.05 -1.81
N ALA B 456 37.36 -11.06 -1.20
CA ALA B 456 38.43 -11.32 -0.25
C ALA B 456 38.04 -12.32 0.84
N GLU B 457 36.95 -12.03 1.55
CA GLU B 457 36.48 -12.90 2.61
C GLU B 457 36.17 -14.32 2.17
N ILE B 458 35.57 -14.45 0.99
CA ILE B 458 35.21 -15.75 0.44
C ILE B 458 36.45 -16.61 0.19
N ALA B 459 37.45 -16.01 -0.47
CA ALA B 459 38.68 -16.72 -0.77
C ALA B 459 39.51 -16.89 0.49
N ARG B 460 38.92 -16.55 1.63
CA ARG B 460 39.62 -16.66 2.90
C ARG B 460 38.86 -17.61 3.81
N GLY B 461 37.90 -18.33 3.23
CA GLY B 461 37.11 -19.26 4.00
C GLY B 461 35.94 -18.61 4.72
N GLU B 462 36.13 -17.40 5.21
CA GLU B 462 35.09 -16.66 5.94
C GLU B 462 33.74 -16.73 5.23
N THR B 463 32.67 -16.94 5.98
CA THR B 463 31.34 -17.05 5.38
C THR B 463 30.28 -16.18 6.05
N ALA B 464 30.72 -15.14 6.75
CA ALA B 464 29.82 -14.21 7.42
C ALA B 464 29.66 -13.03 6.48
N ASN B 465 29.12 -13.31 5.30
CA ASN B 465 28.92 -12.31 4.27
C ASN B 465 27.63 -12.63 3.53
N SER B 466 26.84 -11.61 3.20
CA SER B 466 25.58 -11.82 2.51
C SER B 466 25.73 -12.57 1.19
N VAL B 467 26.80 -12.26 0.47
CA VAL B 467 27.06 -12.91 -0.82
C VAL B 467 27.43 -14.38 -0.65
N SER B 468 28.26 -14.63 0.35
CA SER B 468 28.73 -15.98 0.66
C SER B 468 27.56 -16.82 1.19
N CYS B 469 26.82 -16.27 2.14
CA CYS B 469 25.69 -16.99 2.70
C CYS B 469 24.68 -17.31 1.59
N TYR B 470 24.48 -16.35 0.69
CA TYR B 470 23.55 -16.54 -0.41
C TYR B 470 23.98 -17.74 -1.24
N MET B 471 25.29 -17.89 -1.44
CA MET B 471 25.84 -19.01 -2.21
C MET B 471 25.46 -20.34 -1.57
N ARG B 472 25.62 -20.43 -0.26
CA ARG B 472 25.33 -21.65 0.48
C ARG B 472 23.83 -21.96 0.47
N THR B 473 23.01 -20.93 0.34
CA THR B 473 21.58 -21.12 0.35
C THR B 473 21.00 -21.48 -1.02
N LYS B 474 21.65 -21.01 -2.08
CA LYS B 474 21.20 -21.28 -3.44
C LYS B 474 22.12 -22.22 -4.22
N GLY B 475 23.12 -22.78 -3.56
CA GLY B 475 24.03 -23.68 -4.25
C GLY B 475 24.55 -23.13 -5.56
N ILE B 476 24.75 -21.81 -5.63
CA ILE B 476 25.25 -21.20 -6.85
C ILE B 476 26.62 -20.60 -6.63
N SER B 477 27.30 -20.25 -7.72
CA SER B 477 28.64 -19.68 -7.64
C SER B 477 28.65 -18.26 -7.06
N GLU B 478 29.86 -17.70 -6.91
CA GLU B 478 30.02 -16.35 -6.37
C GLU B 478 29.52 -15.34 -7.40
N GLU B 479 29.89 -15.52 -8.66
CA GLU B 479 29.46 -14.62 -9.71
C GLU B 479 27.93 -14.58 -9.75
N LEU B 480 27.32 -15.76 -9.65
CA LEU B 480 25.87 -15.86 -9.66
C LEU B 480 25.27 -15.13 -8.47
N ALA B 481 25.84 -15.35 -7.29
CA ALA B 481 25.36 -14.72 -6.06
C ALA B 481 25.53 -13.20 -6.10
N THR B 482 26.65 -12.76 -6.66
CA THR B 482 26.91 -11.34 -6.75
C THR B 482 25.82 -10.65 -7.57
N GLU B 483 25.45 -11.25 -8.69
CA GLU B 483 24.40 -10.68 -9.53
C GLU B 483 23.08 -10.67 -8.78
N SER B 484 22.86 -11.71 -7.98
CA SER B 484 21.63 -11.78 -7.20
C SER B 484 21.56 -10.56 -6.28
N VAL B 485 22.60 -10.36 -5.50
CA VAL B 485 22.66 -9.23 -4.58
C VAL B 485 22.37 -7.93 -5.31
N MET B 486 23.01 -7.77 -6.47
CA MET B 486 22.83 -6.58 -7.29
C MET B 486 21.37 -6.39 -7.67
N ASN B 487 20.70 -7.47 -8.04
CA ASN B 487 19.31 -7.37 -8.41
C ASN B 487 18.48 -7.03 -7.18
N LEU B 488 18.89 -7.57 -6.03
CA LEU B 488 18.17 -7.29 -4.80
C LEU B 488 18.31 -5.82 -4.41
N ILE B 489 19.44 -5.23 -4.75
CA ILE B 489 19.68 -3.83 -4.48
C ILE B 489 18.78 -3.00 -5.38
N ASP B 490 18.82 -3.27 -6.68
CA ASP B 490 17.98 -2.53 -7.62
C ASP B 490 16.51 -2.67 -7.24
N GLU B 491 16.11 -3.79 -6.68
CA GLU B 491 14.71 -3.96 -6.31
C GLU B 491 14.34 -3.11 -5.10
N THR B 492 15.28 -2.99 -4.17
CA THR B 492 15.02 -2.19 -3.00
C THR B 492 14.92 -0.71 -3.39
N TRP B 493 15.73 -0.31 -4.35
CA TRP B 493 15.66 1.08 -4.79
C TRP B 493 14.30 1.38 -5.39
N LYS B 494 13.69 0.40 -6.03
CA LYS B 494 12.37 0.62 -6.63
C LYS B 494 11.31 0.78 -5.57
N LYS B 495 11.46 0.05 -4.47
CA LYS B 495 10.50 0.16 -3.40
C LYS B 495 10.70 1.51 -2.70
N MET B 496 11.94 1.89 -2.42
CA MET B 496 12.13 3.18 -1.78
C MET B 496 11.55 4.31 -2.63
N ASN B 497 11.76 4.26 -3.94
CA ASN B 497 11.24 5.31 -4.80
C ASN B 497 9.73 5.50 -4.63
N LYS B 498 9.01 4.38 -4.51
CA LYS B 498 7.56 4.43 -4.34
C LYS B 498 7.18 5.04 -3.00
N GLU B 499 8.00 4.80 -1.98
CA GLU B 499 7.73 5.34 -0.64
C GLU B 499 7.90 6.87 -0.69
N LYS B 500 8.78 7.35 -1.54
CA LYS B 500 9.03 8.77 -1.66
C LYS B 500 7.99 9.46 -2.53
N LEU B 501 7.50 8.77 -3.54
CA LEU B 501 6.51 9.37 -4.44
C LEU B 501 5.22 9.72 -3.75
N GLY B 502 4.68 8.77 -3.01
CA GLY B 502 3.45 9.03 -2.29
C GLY B 502 3.06 7.83 -1.46
N GLY B 503 1.99 8.02 -0.69
CA GLY B 503 1.50 6.95 0.15
C GLY B 503 2.41 6.59 1.31
N SER B 504 2.88 7.59 2.03
CA SER B 504 3.74 7.30 3.16
C SER B 504 3.17 7.83 4.47
N LEU B 505 3.54 7.16 5.56
CA LEU B 505 3.11 7.55 6.89
C LEU B 505 3.98 8.71 7.34
N PHE B 506 5.20 8.76 6.82
CA PHE B 506 6.17 9.79 7.17
C PHE B 506 6.18 10.93 6.17
N ALA B 507 6.65 12.09 6.59
CA ALA B 507 6.74 13.25 5.70
C ALA B 507 7.89 13.06 4.73
N LYS B 508 7.70 13.47 3.48
CA LYS B 508 8.72 13.34 2.45
C LYS B 508 10.15 13.59 2.96
N PRO B 509 10.37 14.69 3.71
CA PRO B 509 11.70 15.02 4.24
C PRO B 509 12.43 13.89 4.95
N PHE B 510 11.74 13.21 5.88
CA PHE B 510 12.38 12.12 6.59
C PHE B 510 12.56 10.90 5.68
N VAL B 511 11.69 10.75 4.68
CA VAL B 511 11.83 9.63 3.77
C VAL B 511 13.10 9.89 2.98
N GLU B 512 13.28 11.12 2.55
CA GLU B 512 14.47 11.46 1.79
C GLU B 512 15.70 11.22 2.67
N THR B 513 15.58 11.54 3.96
CA THR B 513 16.70 11.34 4.88
C THR B 513 17.13 9.88 4.87
N ALA B 514 16.17 8.99 5.10
CA ALA B 514 16.45 7.57 5.10
C ALA B 514 17.09 7.13 3.78
N ILE B 515 16.50 7.55 2.66
CA ILE B 515 17.06 7.18 1.36
C ILE B 515 18.51 7.62 1.26
N ASN B 516 18.84 8.76 1.86
CA ASN B 516 20.22 9.23 1.81
C ASN B 516 21.18 8.25 2.46
N LEU B 517 20.72 7.48 3.44
CA LEU B 517 21.62 6.55 4.05
C LEU B 517 22.00 5.49 3.01
N ALA B 518 21.10 5.19 2.10
CA ALA B 518 21.40 4.21 1.05
C ALA B 518 22.44 4.85 0.13
N ARG B 519 22.25 6.13 -0.20
CA ARG B 519 23.20 6.81 -1.06
C ARG B 519 24.60 6.83 -0.46
N GLN B 520 24.73 7.14 0.84
CA GLN B 520 26.05 7.16 1.43
C GLN B 520 26.67 5.77 1.31
N SER B 521 25.86 4.74 1.50
CA SER B 521 26.38 3.38 1.38
C SER B 521 27.04 3.16 0.03
N HIS B 522 26.38 3.59 -1.04
CA HIS B 522 26.91 3.41 -2.38
C HIS B 522 28.19 4.18 -2.62
N CYS B 523 28.31 5.33 -1.96
CA CYS B 523 29.48 6.17 -2.12
C CYS B 523 30.63 5.77 -1.21
N THR B 524 30.34 5.36 0.02
CA THR B 524 31.42 4.97 0.94
C THR B 524 31.98 3.58 0.64
N TYR B 525 31.13 2.66 0.19
CA TYR B 525 31.58 1.30 -0.12
C TYR B 525 31.88 1.10 -1.60
N HIS B 526 33.16 0.93 -1.92
CA HIS B 526 33.59 0.72 -3.30
C HIS B 526 34.86 -0.13 -3.35
N ASN B 527 35.42 -0.28 -4.53
CA ASN B 527 36.64 -1.05 -4.71
C ASN B 527 37.60 -0.30 -5.63
N GLY B 528 37.70 1.01 -5.42
CA GLY B 528 38.56 1.83 -6.24
C GLY B 528 37.95 2.20 -7.57
N THR B 532 42.24 5.19 -9.75
CA THR B 532 42.52 5.66 -8.40
C THR B 532 42.45 4.49 -7.43
N SER B 533 43.23 4.57 -6.36
CA SER B 533 43.24 3.51 -5.34
C SER B 533 42.05 3.61 -4.40
N PRO B 534 41.55 2.46 -3.91
CA PRO B 534 40.40 2.44 -2.98
C PRO B 534 40.63 3.34 -1.78
N ASP B 535 41.70 3.06 -1.05
CA ASP B 535 42.04 3.83 0.15
C ASP B 535 42.18 5.31 -0.21
N GLU B 536 42.69 5.58 -1.41
CA GLU B 536 42.87 6.94 -1.90
C GLU B 536 41.55 7.64 -2.22
N LEU B 537 40.59 6.87 -2.73
CA LEU B 537 39.29 7.41 -3.09
C LEU B 537 38.56 7.97 -1.87
N THR B 538 38.50 7.18 -0.81
CA THR B 538 37.82 7.61 0.40
C THR B 538 38.45 8.87 1.00
N ARG B 539 39.77 8.85 1.13
CA ARG B 539 40.49 9.99 1.69
C ARG B 539 40.22 11.27 0.89
N LYS B 540 40.44 11.20 -0.43
CA LYS B 540 40.21 12.36 -1.29
C LYS B 540 38.79 12.91 -1.13
N ARG B 541 37.80 12.03 -1.12
CA ARG B 541 36.41 12.45 -1.00
C ARG B 541 36.17 13.21 0.31
N VAL B 542 36.65 12.65 1.42
CA VAL B 542 36.50 13.28 2.72
C VAL B 542 37.12 14.68 2.69
N LEU B 543 38.26 14.81 2.04
CA LEU B 543 38.93 16.10 1.96
C LEU B 543 38.10 17.11 1.21
N SER B 544 37.50 16.69 0.09
CA SER B 544 36.69 17.59 -0.73
C SER B 544 35.34 17.93 -0.10
N VAL B 545 34.94 17.13 0.88
CA VAL B 545 33.66 17.35 1.53
C VAL B 545 33.76 18.16 2.82
N ILE B 546 34.79 17.89 3.61
CA ILE B 546 34.95 18.57 4.89
C ILE B 546 36.11 19.53 5.05
N THR B 547 37.30 19.07 4.70
CA THR B 547 38.48 19.89 4.88
C THR B 547 38.74 20.93 3.81
N GLU B 548 39.13 20.46 2.64
CA GLU B 548 39.44 21.36 1.53
C GLU B 548 38.26 22.07 0.89
N PRO B 549 38.29 23.40 0.88
CA PRO B 549 37.24 24.24 0.29
C PRO B 549 37.45 24.22 -1.21
N ILE B 550 36.46 24.70 -1.95
CA ILE B 550 36.57 24.75 -3.38
C ILE B 550 37.26 26.07 -3.73
N LEU B 551 38.11 26.03 -4.75
CA LEU B 551 38.84 27.20 -5.22
C LEU B 551 37.88 28.33 -5.57
N PRO B 552 38.17 29.55 -5.10
CA PRO B 552 37.34 30.74 -5.33
C PRO B 552 36.98 30.97 -6.79
N PHE B 553 36.03 31.86 -7.01
CA PHE B 553 35.56 32.20 -8.35
C PHE B 553 36.52 33.19 -9.03
N GLU B 554 36.82 32.95 -10.30
CA GLU B 554 37.71 33.85 -11.05
C GLU B 554 37.03 34.26 -12.34
N ARG B 555 36.85 35.56 -12.54
CA ARG B 555 36.22 36.05 -13.76
C ARG B 555 37.13 37.01 -14.52
#